data_1R3O
# 
_entry.id   1R3O 
# 
_audit_conform.dict_name       mmcif_pdbx.dic 
_audit_conform.dict_version    5.386 
_audit_conform.dict_location   http://mmcif.pdb.org/dictionaries/ascii/mmcif_pdbx.dic 
# 
loop_
_database_2.database_id 
_database_2.database_code 
_database_2.pdbx_database_accession 
_database_2.pdbx_DOI 
PDB   1R3O         pdb_00001r3o 10.2210/pdb1r3o/pdb 
NDB   UR0036       ?            ?                   
RCSB  RCSB020397   ?            ?                   
WWPDB D_1000020397 ?            ?                   
# 
loop_
_pdbx_audit_revision_history.ordinal 
_pdbx_audit_revision_history.data_content_type 
_pdbx_audit_revision_history.major_revision 
_pdbx_audit_revision_history.minor_revision 
_pdbx_audit_revision_history.revision_date 
1 'Structure model' 1 0 2003-12-23 
2 'Structure model' 1 1 2008-04-29 
3 'Structure model' 1 2 2011-07-13 
4 'Structure model' 1 3 2018-01-31 
5 'Structure model' 1 4 2024-02-14 
# 
_pdbx_audit_revision_details.ordinal             1 
_pdbx_audit_revision_details.revision_ordinal    1 
_pdbx_audit_revision_details.data_content_type   'Structure model' 
_pdbx_audit_revision_details.provider            repository 
_pdbx_audit_revision_details.type                'Initial release' 
_pdbx_audit_revision_details.description         ? 
_pdbx_audit_revision_details.details             ? 
# 
loop_
_pdbx_audit_revision_group.ordinal 
_pdbx_audit_revision_group.revision_ordinal 
_pdbx_audit_revision_group.data_content_type 
_pdbx_audit_revision_group.group 
1 2 'Structure model' 'Version format compliance' 
2 3 'Structure model' 'Version format compliance' 
3 4 'Structure model' 'Experimental preparation'  
4 5 'Structure model' 'Data collection'           
5 5 'Structure model' 'Database references'       
6 5 'Structure model' 'Derived calculations'      
# 
loop_
_pdbx_audit_revision_category.ordinal 
_pdbx_audit_revision_category.revision_ordinal 
_pdbx_audit_revision_category.data_content_type 
_pdbx_audit_revision_category.category 
1 4 'Structure model' exptl_crystal_grow 
2 5 'Structure model' chem_comp_atom     
3 5 'Structure model' chem_comp_bond     
4 5 'Structure model' database_2         
5 5 'Structure model' diffrn_source      
6 5 'Structure model' struct_conn        
# 
loop_
_pdbx_audit_revision_item.ordinal 
_pdbx_audit_revision_item.revision_ordinal 
_pdbx_audit_revision_item.data_content_type 
_pdbx_audit_revision_item.item 
1 4 'Structure model' '_exptl_crystal_grow.temp'             
2 5 'Structure model' '_database_2.pdbx_DOI'                 
3 5 'Structure model' '_database_2.pdbx_database_accession'  
4 5 'Structure model' '_diffrn_source.pdbx_synchrotron_site' 
5 5 'Structure model' '_struct_conn.pdbx_leaving_atom_flag'  
# 
_pdbx_database_status.status_code                     REL 
_pdbx_database_status.entry_id                        1R3O 
_pdbx_database_status.recvd_initial_deposition_date   2003-10-02 
_pdbx_database_status.deposit_site                    RCSB 
_pdbx_database_status.process_site                    RCSB 
_pdbx_database_status.status_code_sf                  REL 
_pdbx_database_status.SG_entry                        . 
_pdbx_database_status.status_code_mr                  ? 
_pdbx_database_status.pdb_format_compatible           Y 
_pdbx_database_status.status_code_cs                  ? 
_pdbx_database_status.methods_development_category    ? 
_pdbx_database_status.status_code_nmr_data            ? 
# 
loop_
_audit_author.name 
_audit_author.pdbx_ordinal 
'Vallazza, M.'   1 
'Perbandt, M.'   2 
'Klussmann, S.'  3 
'Rypniewski, W.' 4 
'Erdmann, V.A.'  5 
'Betzel, C.'     6 
# 
_citation.id                        primary 
_citation.title                     'First look at RNA in L-configuration.' 
_citation.journal_abbrev            'Acta Crystallogr.,Sect.D' 
_citation.journal_volume            60 
_citation.page_first                1 
_citation.page_last                 7 
_citation.year                      2004 
_citation.journal_id_ASTM           ABCRE6 
_citation.country                   DK 
_citation.journal_id_ISSN           0907-4449 
_citation.journal_id_CSD            0766 
_citation.book_publisher            ? 
_citation.pdbx_database_id_PubMed   14684885 
_citation.pdbx_database_id_DOI      10.1107/S0907444903027690 
# 
loop_
_citation_author.citation_id 
_citation_author.name 
_citation_author.ordinal 
_citation_author.identifier_ORCID 
primary 'Vallazza, M.'   1 ? 
primary 'Perbandt, M.'   2 ? 
primary 'Klussmann, S.'  3 ? 
primary 'Rypniewski, W.' 4 ? 
primary 'Einspahr, H.M.' 5 ? 
primary 'Erdmann, V.A.'  6 ? 
primary 'Betzel, C.h.'   7 ? 
# 
loop_
_entity.id 
_entity.type 
_entity.src_method 
_entity.pdbx_description 
_entity.formula_weight 
_entity.pdbx_number_of_molecules 
_entity.pdbx_ec 
_entity.pdbx_mutation 
_entity.pdbx_fragment 
_entity.details 
1 polymer syn L-RNA 2597.601 2   ? ? ? ? 
2 polymer syn L-RNA 2517.553 2   ? ? ? ? 
3 water   nat water 18.015   129 ? ? ? ? 
# 
loop_
_entity_poly.entity_id 
_entity_poly.type 
_entity_poly.nstd_linkage 
_entity_poly.nstd_monomer 
_entity_poly.pdbx_seq_one_letter_code 
_entity_poly.pdbx_seq_one_letter_code_can 
_entity_poly.pdbx_strand_id 
_entity_poly.pdbx_target_identifier 
1 polyribonucleotide no yes '(0C)(0U)(0G)(0G)(0G)(0C)(0G)(0G)' CUGGGCGG A,C ? 
2 polyribonucleotide no yes '(0C)(0C)(0G)(0C)(0C)(0U)(0G)(0G)' CCGCCUGG B,D ? 
# 
_pdbx_entity_nonpoly.entity_id   3 
_pdbx_entity_nonpoly.name        water 
_pdbx_entity_nonpoly.comp_id     HOH 
# 
loop_
_entity_poly_seq.entity_id 
_entity_poly_seq.num 
_entity_poly_seq.mon_id 
_entity_poly_seq.hetero 
1 1 0C n 
1 2 0U n 
1 3 0G n 
1 4 0G n 
1 5 0G n 
1 6 0C n 
1 7 0G n 
1 8 0G n 
2 1 0C n 
2 2 0C n 
2 3 0G n 
2 4 0C n 
2 5 0C n 
2 6 0U n 
2 7 0G n 
2 8 0G n 
# 
loop_
_chem_comp.id 
_chem_comp.type 
_chem_comp.mon_nstd_flag 
_chem_comp.name 
_chem_comp.pdbx_synonyms 
_chem_comp.formula 
_chem_comp.formula_weight 
0C  'L-RNA linking' . "L-CYTIDINE-5'-MONOPHOSPHATE"  ? 'C9 H14 N3 O8 P'  323.197 
0G  'L-RNA linking' . "L-GUANOSINE-5'-MONOPHOSPHATE" ? 'C10 H14 N5 O8 P' 363.221 
0U  'L-RNA linking' . "L-URIDINE-5'-MONOPHOSPHATE"   ? 'C9 H13 N2 O9 P'  324.181 
HOH non-polymer     . WATER                          ? 'H2 O'            18.015  
# 
loop_
_pdbx_poly_seq_scheme.asym_id 
_pdbx_poly_seq_scheme.entity_id 
_pdbx_poly_seq_scheme.seq_id 
_pdbx_poly_seq_scheme.mon_id 
_pdbx_poly_seq_scheme.ndb_seq_num 
_pdbx_poly_seq_scheme.pdb_seq_num 
_pdbx_poly_seq_scheme.auth_seq_num 
_pdbx_poly_seq_scheme.pdb_mon_id 
_pdbx_poly_seq_scheme.auth_mon_id 
_pdbx_poly_seq_scheme.pdb_strand_id 
_pdbx_poly_seq_scheme.pdb_ins_code 
_pdbx_poly_seq_scheme.hetero 
A 1 1 0C 1 79 79 0C C A . n 
A 1 2 0U 2 80 80 0U U A . n 
A 1 3 0G 3 81 81 0G G A . n 
A 1 4 0G 4 82 82 0G G A . n 
A 1 5 0G 5 83 83 0G G A . n 
A 1 6 0C 6 84 84 0C C A . n 
A 1 7 0G 7 85 85 0G G A . n 
A 1 8 0G 8 86 86 0G G A . n 
B 2 1 0C 1 90 90 0C C B . n 
B 2 2 0C 2 91 91 0C C B . n 
B 2 3 0G 3 92 92 0G G B . n 
B 2 4 0C 4 93 93 0C C B . n 
B 2 5 0C 5 94 94 0C C B . n 
B 2 6 0U 6 95 95 0U U B . n 
B 2 7 0G 7 96 96 0G G B . n 
B 2 8 0G 8 97 97 0G G B . n 
C 1 1 0C 1 79 79 0C C C . n 
C 1 2 0U 2 80 80 0U U C . n 
C 1 3 0G 3 81 81 0G G C . n 
C 1 4 0G 4 82 82 0G G C . n 
C 1 5 0G 5 83 83 0G G C . n 
C 1 6 0C 6 84 84 0C C C . n 
C 1 7 0G 7 85 85 0G G C . n 
C 1 8 0G 8 86 86 0G G C . n 
D 2 1 0C 1 90 90 0C C D . n 
D 2 2 0C 2 91 91 0C C D . n 
D 2 3 0G 3 92 92 0G G D . n 
D 2 4 0C 4 93 93 0C C D . n 
D 2 5 0C 5 94 94 0C C D . n 
D 2 6 0U 6 95 95 0U U D . n 
D 2 7 0G 7 96 96 0G G D . n 
D 2 8 0G 8 97 97 0G G D . n 
# 
loop_
_pdbx_nonpoly_scheme.asym_id 
_pdbx_nonpoly_scheme.entity_id 
_pdbx_nonpoly_scheme.mon_id 
_pdbx_nonpoly_scheme.ndb_seq_num 
_pdbx_nonpoly_scheme.pdb_seq_num 
_pdbx_nonpoly_scheme.auth_seq_num 
_pdbx_nonpoly_scheme.pdb_mon_id 
_pdbx_nonpoly_scheme.auth_mon_id 
_pdbx_nonpoly_scheme.pdb_strand_id 
_pdbx_nonpoly_scheme.pdb_ins_code 
E 3 HOH 1  2   2  HOH HOH A . 
E 3 HOH 2  6   6  HOH HOH A . 
E 3 HOH 3  7   7  HOH HOH A . 
E 3 HOH 4  8   8  HOH HOH A . 
E 3 HOH 5  10  10 HOH HOH A . 
E 3 HOH 6  11  11 HOH HOH A . 
E 3 HOH 7  12  12 HOH HOH A . 
E 3 HOH 8  14  14 HOH HOH A . 
E 3 HOH 9  16  16 HOH HOH A . 
E 3 HOH 10 18  18 HOH HOH A . 
E 3 HOH 11 19  19 HOH HOH A . 
E 3 HOH 12 20  20 HOH HOH A . 
E 3 HOH 13 21  21 HOH HOH A . 
E 3 HOH 14 22  22 HOH HOH A . 
E 3 HOH 15 24  24 HOH HOH A . 
E 3 HOH 16 25  25 HOH HOH A . 
E 3 HOH 17 26  26 HOH HOH A . 
E 3 HOH 18 27  27 HOH HOH A . 
E 3 HOH 19 28  28 HOH HOH A . 
E 3 HOH 20 31  31 HOH HOH A . 
E 3 HOH 21 32  32 HOH HOH A . 
E 3 HOH 22 33  33 HOH HOH A . 
E 3 HOH 23 34  34 HOH HOH A . 
E 3 HOH 24 35  35 HOH HOH A . 
E 3 HOH 25 36  36 HOH HOH A . 
E 3 HOH 26 37  37 HOH HOH A . 
E 3 HOH 27 38  38 HOH HOH A . 
E 3 HOH 28 39  39 HOH HOH A . 
E 3 HOH 29 40  40 HOH HOH A . 
E 3 HOH 30 41  41 HOH HOH A . 
E 3 HOH 31 42  42 HOH HOH A . 
E 3 HOH 32 43  43 HOH HOH A . 
E 3 HOH 33 44  44 HOH HOH A . 
E 3 HOH 34 46  46 HOH HOH A . 
E 3 HOH 35 49  49 HOH HOH A . 
E 3 HOH 36 50  50 HOH HOH A . 
E 3 HOH 37 51  51 HOH HOH A . 
E 3 HOH 38 53  53 HOH HOH A . 
E 3 HOH 39 57  57 HOH HOH A . 
E 3 HOH 40 60  60 HOH HOH A . 
E 3 HOH 41 61  61 HOH HOH A . 
E 3 HOH 42 62  62 HOH HOH A . 
E 3 HOH 43 64  64 HOH HOH A . 
E 3 HOH 44 67  67 HOH HOH A . 
E 3 HOH 45 100 29 HOH HOH A . 
F 3 HOH 1  1   1  HOH HOH B . 
F 3 HOH 2  3   3  HOH HOH B . 
F 3 HOH 3  4   4  HOH HOH B . 
F 3 HOH 4  9   9  HOH HOH B . 
F 3 HOH 5  13  13 HOH HOH B . 
F 3 HOH 6  15  15 HOH HOH B . 
F 3 HOH 7  17  17 HOH HOH B . 
F 3 HOH 8  23  23 HOH HOH B . 
F 3 HOH 9  29  29 HOH HOH B . 
F 3 HOH 10 30  30 HOH HOH B . 
F 3 HOH 11 45  45 HOH HOH B . 
F 3 HOH 12 47  47 HOH HOH B . 
F 3 HOH 13 48  48 HOH HOH B . 
F 3 HOH 14 52  52 HOH HOH B . 
F 3 HOH 15 54  54 HOH HOH B . 
F 3 HOH 16 55  55 HOH HOH B . 
F 3 HOH 17 56  56 HOH HOH B . 
F 3 HOH 18 58  58 HOH HOH B . 
F 3 HOH 19 59  59 HOH HOH B . 
F 3 HOH 20 63  63 HOH HOH B . 
F 3 HOH 21 65  65 HOH HOH B . 
F 3 HOH 22 66  66 HOH HOH B . 
F 3 HOH 23 68  68 HOH HOH B . 
F 3 HOH 24 69  69 HOH HOH B . 
F 3 HOH 25 70  70 HOH HOH B . 
F 3 HOH 26 71  71 HOH HOH B . 
G 3 HOH 1  87  5  HOH HOH C . 
G 3 HOH 2  88  1  HOH HOH C . 
G 3 HOH 3  89  2  HOH HOH C . 
G 3 HOH 4  90  3  HOH HOH C . 
G 3 HOH 5  91  4  HOH HOH C . 
G 3 HOH 6  92  5  HOH HOH C . 
G 3 HOH 7  93  6  HOH HOH C . 
G 3 HOH 8  94  7  HOH HOH C . 
G 3 HOH 9  95  8  HOH HOH C . 
G 3 HOH 10 96  9  HOH HOH C . 
G 3 HOH 11 97  10 HOH HOH C . 
G 3 HOH 12 98  12 HOH HOH C . 
G 3 HOH 13 99  13 HOH HOH C . 
G 3 HOH 14 100 14 HOH HOH C . 
G 3 HOH 15 101 16 HOH HOH C . 
G 3 HOH 16 102 17 HOH HOH C . 
G 3 HOH 17 103 19 HOH HOH C . 
G 3 HOH 18 104 23 HOH HOH C . 
G 3 HOH 19 105 24 HOH HOH C . 
G 3 HOH 20 106 25 HOH HOH C . 
G 3 HOH 21 107 28 HOH HOH C . 
G 3 HOH 22 108 32 HOH HOH C . 
G 3 HOH 23 109 33 HOH HOH C . 
G 3 HOH 24 110 35 HOH HOH C . 
G 3 HOH 25 111 38 HOH HOH C . 
G 3 HOH 26 112 39 HOH HOH C . 
G 3 HOH 27 113 40 HOH HOH C . 
G 3 HOH 28 114 41 HOH HOH C . 
G 3 HOH 29 115 42 HOH HOH C . 
G 3 HOH 30 116 43 HOH HOH C . 
G 3 HOH 31 117 44 HOH HOH C . 
G 3 HOH 32 118 47 HOH HOH C . 
G 3 HOH 33 119 49 HOH HOH C . 
G 3 HOH 34 120 52 HOH HOH C . 
G 3 HOH 35 121 55 HOH HOH C . 
G 3 HOH 36 122 56 HOH HOH C . 
G 3 HOH 37 123 57 HOH HOH C . 
G 3 HOH 38 124 58 HOH HOH C . 
H 3 HOH 1  98  11 HOH HOH D . 
H 3 HOH 2  99  15 HOH HOH D . 
H 3 HOH 3  100 18 HOH HOH D . 
H 3 HOH 4  101 20 HOH HOH D . 
H 3 HOH 5  102 21 HOH HOH D . 
H 3 HOH 6  103 22 HOH HOH D . 
H 3 HOH 7  104 26 HOH HOH D . 
H 3 HOH 8  105 27 HOH HOH D . 
H 3 HOH 9  106 30 HOH HOH D . 
H 3 HOH 10 107 31 HOH HOH D . 
H 3 HOH 11 108 34 HOH HOH D . 
H 3 HOH 12 109 36 HOH HOH D . 
H 3 HOH 13 110 37 HOH HOH D . 
H 3 HOH 14 111 45 HOH HOH D . 
H 3 HOH 15 112 46 HOH HOH D . 
H 3 HOH 16 113 48 HOH HOH D . 
H 3 HOH 17 114 50 HOH HOH D . 
H 3 HOH 18 115 51 HOH HOH D . 
H 3 HOH 19 116 53 HOH HOH D . 
H 3 HOH 20 117 54 HOH HOH D . 
# 
loop_
_software.name 
_software.classification 
_software.version 
_software.citation_id 
_software.pdbx_ordinal 
REFMAC    refinement       5.1.24 ? 1 
DENZO     'data reduction' .      ? 2 
SCALEPACK 'data scaling'   .      ? 3 
# 
_cell.entry_id           1R3O 
_cell.length_a           46.109 
_cell.length_b           46.109 
_cell.length_c           263.501 
_cell.angle_alpha        90.00 
_cell.angle_beta         90.00 
_cell.angle_gamma        120.00 
_cell.Z_PDB              36 
_cell.pdbx_unique_axis   ? 
_cell.length_a_esd       ? 
_cell.length_b_esd       ? 
_cell.length_c_esd       ? 
_cell.angle_alpha_esd    ? 
_cell.angle_beta_esd     ? 
_cell.angle_gamma_esd    ? 
# 
_symmetry.entry_id                         1R3O 
_symmetry.space_group_name_H-M             'H 3 2' 
_symmetry.pdbx_full_space_group_name_H-M   ? 
_symmetry.cell_setting                     ? 
_symmetry.Int_Tables_number                155 
_symmetry.space_group_name_Hall            ? 
# 
_exptl.entry_id          1R3O 
_exptl.method            'X-RAY DIFFRACTION' 
_exptl.crystals_number   1 
# 
_exptl_crystal.id                    1 
_exptl_crystal.density_meas          ? 
_exptl_crystal.density_Matthews      2.63 
_exptl_crystal.density_percent_sol   53.31 
_exptl_crystal.description           ? 
_exptl_crystal.F_000                 ? 
_exptl_crystal.preparation           ? 
# 
_exptl_crystal_grow.crystal_id      1 
_exptl_crystal_grow.method          ? 
_exptl_crystal_grow.temp            ? 
_exptl_crystal_grow.temp_details    ? 
_exptl_crystal_grow.pH              7.0 
_exptl_crystal_grow.pdbx_details    'pH 7.0, temperature 100K' 
_exptl_crystal_grow.pdbx_pH_range   . 
# 
_diffrn.id                     1 
_diffrn.ambient_temp           100 
_diffrn.ambient_temp_details   ? 
_diffrn.crystal_id             1 
# 
_diffrn_detector.diffrn_id              1 
_diffrn_detector.detector               CCD 
_diffrn_detector.type                   MARRESEARCH 
_diffrn_detector.pdbx_collection_date   ? 
_diffrn_detector.details                ? 
# 
_diffrn_radiation.diffrn_id                        1 
_diffrn_radiation.wavelength_id                    1 
_diffrn_radiation.pdbx_monochromatic_or_laue_m_l   M 
_diffrn_radiation.monochromator                    ? 
_diffrn_radiation.pdbx_diffrn_protocol             'SINGLE WAVELENGTH' 
_diffrn_radiation.pdbx_scattering_type             x-ray 
# 
_diffrn_radiation_wavelength.id           1 
_diffrn_radiation_wavelength.wavelength   . 
_diffrn_radiation_wavelength.wt           1.0 
# 
_diffrn_source.diffrn_id                   1 
_diffrn_source.source                      SYNCHROTRON 
_diffrn_source.type                        'EMBL/DESY, HAMBURG BEAMLINE X11' 
_diffrn_source.pdbx_synchrotron_site       'EMBL/DESY, HAMBURG' 
_diffrn_source.pdbx_synchrotron_beamline   X11 
_diffrn_source.pdbx_wavelength             ? 
_diffrn_source.pdbx_wavelength_list        ? 
# 
_reflns.entry_id                     1R3O 
_reflns.observed_criterion_sigma_F   0 
_reflns.observed_criterion_sigma_I   ? 
_reflns.d_resolution_high            1.90 
_reflns.d_resolution_low             20.54 
_reflns.number_all                   ? 
_reflns.number_obs                   8385 
_reflns.percent_possible_obs         ? 
_reflns.pdbx_Rmerge_I_obs            0.065 
_reflns.pdbx_Rsym_value              ? 
_reflns.pdbx_netI_over_sigmaI        ? 
_reflns.B_iso_Wilson_estimate        ? 
_reflns.pdbx_redundancy              ? 
_reflns.R_free_details               ? 
_reflns.pdbx_chi_squared             ? 
_reflns.pdbx_scaling_rejects         ? 
_reflns.pdbx_diffrn_id               1 
_reflns.pdbx_ordinal                 1 
# 
_refine.entry_id                                 1R3O 
_refine.ls_number_reflns_obs                     7996 
_refine.ls_number_reflns_all                     ? 
_refine.pdbx_ls_sigma_I                          ? 
_refine.pdbx_ls_sigma_F                          0 
_refine.pdbx_data_cutoff_high_absF               ? 
_refine.pdbx_data_cutoff_low_absF                ? 
_refine.pdbx_data_cutoff_high_rms_absF           ? 
_refine.ls_d_res_low                             20.54 
_refine.ls_d_res_high                            1.90 
_refine.ls_percent_reflns_obs                    100.00 
_refine.ls_R_factor_obs                          0.24082 
_refine.ls_R_factor_all                          ? 
_refine.ls_R_factor_R_work                       0.23855 
_refine.ls_R_factor_R_free                       0.28563 
_refine.ls_R_factor_R_free_error                 ? 
_refine.ls_R_factor_R_free_error_details         ? 
_refine.ls_percent_reflns_R_free                 4.6 
_refine.ls_number_reflns_R_free                  388 
_refine.ls_number_parameters                     ? 
_refine.ls_number_restraints                     ? 
_refine.occupancy_min                            ? 
_refine.occupancy_max                            ? 
_refine.correlation_coeff_Fo_to_Fc               0.953 
_refine.correlation_coeff_Fo_to_Fc_free          0.952 
_refine.B_iso_mean                               32.841 
_refine.aniso_B[1][1]                            0.78 
_refine.aniso_B[2][2]                            0.78 
_refine.aniso_B[3][3]                            -1.18 
_refine.aniso_B[1][2]                            0.39 
_refine.aniso_B[1][3]                            0.00 
_refine.aniso_B[2][3]                            0.00 
_refine.solvent_model_details                    'BABINET MODEL WITH MASK' 
_refine.solvent_model_param_ksol                 ? 
_refine.solvent_model_param_bsol                 ? 
_refine.pdbx_solvent_vdw_probe_radii             1.40 
_refine.pdbx_solvent_ion_probe_radii             0.80 
_refine.pdbx_solvent_shrinkage_radii             0.80 
_refine.pdbx_ls_cross_valid_method               THROUGHOUT 
_refine.details                                  'HYDROGENS HAVE BEEN ADDED IN THE RIDING POSITIONS' 
_refine.pdbx_starting_model                      ? 
_refine.pdbx_method_to_determine_struct          'MOLECULAR REPLACEMENT' 
_refine.pdbx_isotropic_thermal_model             ? 
_refine.pdbx_stereochemistry_target_values       'MAXIMUM LIKELIHOOD' 
_refine.pdbx_stereochem_target_val_spec_case     ? 
_refine.pdbx_R_Free_selection_details            RANDOM 
_refine.pdbx_overall_ESU_R                       0.189 
_refine.pdbx_overall_ESU_R_Free                  0.175 
_refine.overall_SU_ML                            0.127 
_refine.overall_SU_B                             4.399 
_refine.ls_redundancy_reflns_obs                 ? 
_refine.overall_SU_R_Cruickshank_DPI             ? 
_refine.overall_SU_R_free                        ? 
_refine.pdbx_refine_id                           'X-RAY DIFFRACTION' 
_refine.pdbx_overall_phase_error                 ? 
_refine.ls_wR_factor_R_free                      ? 
_refine.ls_wR_factor_R_work                      ? 
_refine.overall_FOM_free_R_set                   ? 
_refine.overall_FOM_work_R_set                   ? 
_refine.pdbx_diffrn_id                           1 
_refine.pdbx_TLS_residual_ADP_flag               ? 
_refine.pdbx_overall_SU_R_free_Cruickshank_DPI   ? 
_refine.pdbx_overall_SU_R_Blow_DPI               ? 
_refine.pdbx_overall_SU_R_free_Blow_DPI          ? 
# 
_refine_hist.pdbx_refine_id                   'X-RAY DIFFRACTION' 
_refine_hist.cycle_id                         LAST 
_refine_hist.pdbx_number_atoms_protein        0 
_refine_hist.pdbx_number_atoms_nucleic_acid   676 
_refine_hist.pdbx_number_atoms_ligand         0 
_refine_hist.number_atoms_solvent             129 
_refine_hist.number_atoms_total               805 
_refine_hist.d_res_high                       1.90 
_refine_hist.d_res_low                        20.54 
# 
loop_
_refine_ls_restr.type 
_refine_ls_restr.dev_ideal 
_refine_ls_restr.dev_ideal_target 
_refine_ls_restr.weight 
_refine_ls_restr.number 
_refine_ls_restr.pdbx_refine_id 
_refine_ls_restr.pdbx_restraint_function 
r_bond_refined_d         0.012 0.021 ? 752  'X-RAY DIFFRACTION' ? 
r_bond_other_d           0.002 0.020 ? 260  'X-RAY DIFFRACTION' ? 
r_angle_refined_deg      1.766 3.000 ? 1168 'X-RAY DIFFRACTION' ? 
r_angle_other_deg        1.343 3.000 ? 680  'X-RAY DIFFRACTION' ? 
r_dihedral_angle_1_deg   ?     ?     ? ?    'X-RAY DIFFRACTION' ? 
r_dihedral_angle_2_deg   ?     ?     ? ?    'X-RAY DIFFRACTION' ? 
r_chiral_restr           5.108 0.200 ? 128  'X-RAY DIFFRACTION' ? 
r_gen_planes_refined     0.007 0.020 ? 336  'X-RAY DIFFRACTION' ? 
r_gen_planes_other       ?     ?     ? ?    'X-RAY DIFFRACTION' ? 
r_nbd_refined            0.098 0.200 ? 51   'X-RAY DIFFRACTION' ? 
r_nbd_other              0.211 0.200 ? 321  'X-RAY DIFFRACTION' ? 
r_nbtor_other            0.055 0.200 ? 138  'X-RAY DIFFRACTION' ? 
r_xyhbond_nbd_refined    0.173 0.200 ? 59   'X-RAY DIFFRACTION' ? 
r_xyhbond_nbd_other      ?     ?     ? ?    'X-RAY DIFFRACTION' ? 
r_symmetry_vdw_refined   0.053 0.200 ? 5    'X-RAY DIFFRACTION' ? 
r_symmetry_vdw_other     0.120 0.200 ? 22   'X-RAY DIFFRACTION' ? 
r_symmetry_hbond_refined 0.220 0.200 ? 15   'X-RAY DIFFRACTION' ? 
r_symmetry_hbond_other   ?     ?     ? ?    'X-RAY DIFFRACTION' ? 
r_mcbond_it              ?     ?     ? ?    'X-RAY DIFFRACTION' ? 
r_mcangle_it             ?     ?     ? ?    'X-RAY DIFFRACTION' ? 
r_scbond_it              1.746 3.000 ? 752  'X-RAY DIFFRACTION' ? 
r_scangle_it             2.330 4.500 ? 1168 'X-RAY DIFFRACTION' ? 
r_rigid_bond_restr       ?     ?     ? ?    'X-RAY DIFFRACTION' ? 
r_sphericity_free        ?     ?     ? ?    'X-RAY DIFFRACTION' ? 
r_sphericity_bonded      ?     ?     ? ?    'X-RAY DIFFRACTION' ? 
# 
_refine_ls_shell.pdbx_total_number_of_bins_used   20 
_refine_ls_shell.d_res_high                       1.900 
_refine_ls_shell.d_res_low                        1.949 
_refine_ls_shell.number_reflns_R_work             511 
_refine_ls_shell.R_factor_R_work                  0.292 
_refine_ls_shell.percent_reflns_obs               ? 
_refine_ls_shell.R_factor_R_free                  0.413 
_refine_ls_shell.R_factor_R_free_error            ? 
_refine_ls_shell.percent_reflns_R_free            ? 
_refine_ls_shell.number_reflns_R_free             33 
_refine_ls_shell.redundancy_reflns_obs            ? 
_refine_ls_shell.pdbx_refine_id                   'X-RAY DIFFRACTION' 
_refine_ls_shell.number_reflns_all                ? 
_refine_ls_shell.number_reflns_obs                ? 
_refine_ls_shell.R_factor_all                     ? 
# 
_struct.entry_id                  1R3O 
_struct.title                     'Crystal structure of the first RNA duplex in L-conformation at 1.9A resolution' 
_struct.pdbx_model_details        ? 
_struct.pdbx_CASP_flag            ? 
_struct.pdbx_model_type_details   ? 
# 
_struct_keywords.entry_id        1R3O 
_struct_keywords.pdbx_keywords   RNA 
_struct_keywords.text            'L-RNA, RNA' 
# 
loop_
_struct_asym.id 
_struct_asym.pdbx_blank_PDB_chainid_flag 
_struct_asym.pdbx_modified 
_struct_asym.entity_id 
_struct_asym.details 
A N N 1 ? 
B N N 2 ? 
C N N 1 ? 
D N N 2 ? 
E N N 3 ? 
F N N 3 ? 
G N N 3 ? 
H N N 3 ? 
# 
loop_
_struct_ref.id 
_struct_ref.entity_id 
_struct_ref.db_name 
_struct_ref.db_code 
_struct_ref.pdbx_db_accession 
_struct_ref.pdbx_align_begin 
_struct_ref.pdbx_seq_one_letter_code 
_struct_ref.pdbx_db_isoform 
1 1 PDB 1R3O 1R3O ? ? ? 
2 2 PDB 1R3O 1R3O ? ? ? 
# 
loop_
_struct_ref_seq.align_id 
_struct_ref_seq.ref_id 
_struct_ref_seq.pdbx_PDB_id_code 
_struct_ref_seq.pdbx_strand_id 
_struct_ref_seq.seq_align_beg 
_struct_ref_seq.pdbx_seq_align_beg_ins_code 
_struct_ref_seq.seq_align_end 
_struct_ref_seq.pdbx_seq_align_end_ins_code 
_struct_ref_seq.pdbx_db_accession 
_struct_ref_seq.db_align_beg 
_struct_ref_seq.pdbx_db_align_beg_ins_code 
_struct_ref_seq.db_align_end 
_struct_ref_seq.pdbx_db_align_end_ins_code 
_struct_ref_seq.pdbx_auth_seq_align_beg 
_struct_ref_seq.pdbx_auth_seq_align_end 
1 1 1R3O A 1 ? 8 ? 1R3O 79 ? 86 ? 79 86 
2 2 1R3O B 1 ? 8 ? 1R3O 90 ? 97 ? 90 97 
3 1 1R3O C 1 ? 8 ? 1R3O 79 ? 86 ? 79 86 
4 2 1R3O D 1 ? 8 ? 1R3O 90 ? 97 ? 90 97 
# 
_pdbx_struct_assembly.id                   1 
_pdbx_struct_assembly.details              author_defined_assembly 
_pdbx_struct_assembly.method_details       ? 
_pdbx_struct_assembly.oligomeric_details   tetrameric 
_pdbx_struct_assembly.oligomeric_count     4 
# 
_pdbx_struct_assembly_gen.assembly_id       1 
_pdbx_struct_assembly_gen.oper_expression   1 
_pdbx_struct_assembly_gen.asym_id_list      A,B,C,D,E,F,G,H 
# 
_pdbx_struct_oper_list.id                   1 
_pdbx_struct_oper_list.type                 'identity operation' 
_pdbx_struct_oper_list.name                 1_555 
_pdbx_struct_oper_list.symmetry_operation   x,y,z 
_pdbx_struct_oper_list.matrix[1][1]         1.0000000000 
_pdbx_struct_oper_list.matrix[1][2]         0.0000000000 
_pdbx_struct_oper_list.matrix[1][3]         0.0000000000 
_pdbx_struct_oper_list.vector[1]            0.0000000000 
_pdbx_struct_oper_list.matrix[2][1]         0.0000000000 
_pdbx_struct_oper_list.matrix[2][2]         1.0000000000 
_pdbx_struct_oper_list.matrix[2][3]         0.0000000000 
_pdbx_struct_oper_list.vector[2]            0.0000000000 
_pdbx_struct_oper_list.matrix[3][1]         0.0000000000 
_pdbx_struct_oper_list.matrix[3][2]         0.0000000000 
_pdbx_struct_oper_list.matrix[3][3]         1.0000000000 
_pdbx_struct_oper_list.vector[3]            0.0000000000 
# 
_struct_biol.id                    1 
_struct_biol.pdbx_parent_biol_id   ? 
_struct_biol.details               ? 
# 
loop_
_struct_conn.id 
_struct_conn.conn_type_id 
_struct_conn.pdbx_leaving_atom_flag 
_struct_conn.pdbx_PDB_id 
_struct_conn.ptnr1_label_asym_id 
_struct_conn.ptnr1_label_comp_id 
_struct_conn.ptnr1_label_seq_id 
_struct_conn.ptnr1_label_atom_id 
_struct_conn.pdbx_ptnr1_label_alt_id 
_struct_conn.pdbx_ptnr1_PDB_ins_code 
_struct_conn.pdbx_ptnr1_standard_comp_id 
_struct_conn.ptnr1_symmetry 
_struct_conn.ptnr2_label_asym_id 
_struct_conn.ptnr2_label_comp_id 
_struct_conn.ptnr2_label_seq_id 
_struct_conn.ptnr2_label_atom_id 
_struct_conn.pdbx_ptnr2_label_alt_id 
_struct_conn.pdbx_ptnr2_PDB_ins_code 
_struct_conn.ptnr1_auth_asym_id 
_struct_conn.ptnr1_auth_comp_id 
_struct_conn.ptnr1_auth_seq_id 
_struct_conn.ptnr2_auth_asym_id 
_struct_conn.ptnr2_auth_comp_id 
_struct_conn.ptnr2_auth_seq_id 
_struct_conn.ptnr2_symmetry 
_struct_conn.pdbx_ptnr3_label_atom_id 
_struct_conn.pdbx_ptnr3_label_seq_id 
_struct_conn.pdbx_ptnr3_label_comp_id 
_struct_conn.pdbx_ptnr3_label_asym_id 
_struct_conn.pdbx_ptnr3_label_alt_id 
_struct_conn.pdbx_ptnr3_PDB_ins_code 
_struct_conn.details 
_struct_conn.pdbx_dist_value 
_struct_conn.pdbx_value_order 
_struct_conn.pdbx_role 
covale1  covale both ? A 0C 1 "O3'" ? ? ? 1_555 A 0U 2 P ? ? A 0C 79 A 0U 80 1_555 ? ? ? ? ? ? ? 1.607 ? ? 
covale2  covale both ? A 0U 2 "O3'" ? ? ? 1_555 A 0G 3 P ? ? A 0U 80 A 0G 81 1_555 ? ? ? ? ? ? ? 1.619 ? ? 
covale3  covale both ? A 0G 3 "O3'" ? ? ? 1_555 A 0G 4 P ? ? A 0G 81 A 0G 82 1_555 ? ? ? ? ? ? ? 1.600 ? ? 
covale4  covale both ? A 0G 4 "O3'" ? ? ? 1_555 A 0G 5 P ? ? A 0G 82 A 0G 83 1_555 ? ? ? ? ? ? ? 1.602 ? ? 
covale5  covale both ? A 0G 5 "O3'" ? ? ? 1_555 A 0C 6 P ? ? A 0G 83 A 0C 84 1_555 ? ? ? ? ? ? ? 1.585 ? ? 
covale6  covale both ? A 0C 6 "O3'" ? ? ? 1_555 A 0G 7 P ? ? A 0C 84 A 0G 85 1_555 ? ? ? ? ? ? ? 1.601 ? ? 
covale7  covale both ? A 0G 7 "O3'" ? ? ? 1_555 A 0G 8 P ? ? A 0G 85 A 0G 86 1_555 ? ? ? ? ? ? ? 1.598 ? ? 
covale8  covale both ? B 0C 1 "O3'" ? ? ? 1_555 B 0C 2 P ? ? B 0C 90 B 0C 91 1_555 ? ? ? ? ? ? ? 1.606 ? ? 
covale9  covale both ? B 0C 2 "O3'" ? ? ? 1_555 B 0G 3 P ? ? B 0C 91 B 0G 92 1_555 ? ? ? ? ? ? ? 1.611 ? ? 
covale10 covale both ? B 0G 3 "O3'" ? ? ? 1_555 B 0C 4 P ? ? B 0G 92 B 0C 93 1_555 ? ? ? ? ? ? ? 1.604 ? ? 
covale11 covale both ? B 0C 4 "O3'" ? ? ? 1_555 B 0C 5 P ? ? B 0C 93 B 0C 94 1_555 ? ? ? ? ? ? ? 1.583 ? ? 
covale12 covale both ? B 0C 5 "O3'" ? ? ? 1_555 B 0U 6 P ? ? B 0C 94 B 0U 95 1_555 ? ? ? ? ? ? ? 1.581 ? ? 
covale13 covale both ? B 0U 6 "O3'" ? ? ? 1_555 B 0G 7 P ? ? B 0U 95 B 0G 96 1_555 ? ? ? ? ? ? ? 1.590 ? ? 
covale14 covale both ? B 0G 7 "O3'" ? ? ? 1_555 B 0G 8 P ? ? B 0G 96 B 0G 97 1_555 ? ? ? ? ? ? ? 1.628 ? ? 
covale15 covale both ? C 0C 1 "O3'" ? ? ? 1_555 C 0U 2 P ? ? C 0C 79 C 0U 80 1_555 ? ? ? ? ? ? ? 1.617 ? ? 
covale16 covale both ? C 0U 2 "O3'" ? ? ? 1_555 C 0G 3 P ? ? C 0U 80 C 0G 81 1_555 ? ? ? ? ? ? ? 1.601 ? ? 
covale17 covale both ? C 0G 3 "O3'" ? ? ? 1_555 C 0G 4 P ? ? C 0G 81 C 0G 82 1_555 ? ? ? ? ? ? ? 1.623 ? ? 
covale18 covale both ? C 0G 4 "O3'" ? ? ? 1_555 C 0G 5 P ? ? C 0G 82 C 0G 83 1_555 ? ? ? ? ? ? ? 1.610 ? ? 
covale19 covale both ? C 0G 5 "O3'" ? ? ? 1_555 C 0C 6 P ? ? C 0G 83 C 0C 84 1_555 ? ? ? ? ? ? ? 1.616 ? ? 
covale20 covale both ? C 0C 6 "O3'" ? ? ? 1_555 C 0G 7 P ? ? C 0C 84 C 0G 85 1_555 ? ? ? ? ? ? ? 1.596 ? ? 
covale21 covale both ? C 0G 7 "O3'" ? ? ? 1_555 C 0G 8 P ? ? C 0G 85 C 0G 86 1_555 ? ? ? ? ? ? ? 1.620 ? ? 
covale22 covale both ? D 0C 1 "O3'" ? ? ? 1_555 D 0C 2 P ? ? D 0C 90 D 0C 91 1_555 ? ? ? ? ? ? ? 1.603 ? ? 
covale23 covale both ? D 0C 2 "O3'" ? ? ? 1_555 D 0G 3 P ? ? D 0C 91 D 0G 92 1_555 ? ? ? ? ? ? ? 1.610 ? ? 
covale24 covale both ? D 0G 3 "O3'" ? ? ? 1_555 D 0C 4 P ? ? D 0G 92 D 0C 93 1_555 ? ? ? ? ? ? ? 1.608 ? ? 
covale25 covale both ? D 0C 4 "O3'" ? ? ? 1_555 D 0C 5 P ? ? D 0C 93 D 0C 94 1_555 ? ? ? ? ? ? ? 1.594 ? ? 
covale26 covale both ? D 0C 5 "O3'" ? ? ? 1_555 D 0U 6 P ? ? D 0C 94 D 0U 95 1_555 ? ? ? ? ? ? ? 1.595 ? ? 
covale27 covale both ? D 0U 6 "O3'" ? ? ? 1_555 D 0G 7 P ? ? D 0U 95 D 0G 96 1_555 ? ? ? ? ? ? ? 1.583 ? ? 
covale28 covale both ? D 0G 7 "O3'" ? ? ? 1_555 D 0G 8 P ? ? D 0G 96 D 0G 97 1_555 ? ? ? ? ? ? ? 1.588 ? ? 
# 
_struct_conn_type.id          covale 
_struct_conn_type.criteria    ? 
_struct_conn_type.reference   ? 
# 
_pdbx_validate_rmsd_bond.id                        1 
_pdbx_validate_rmsd_bond.PDB_model_num             1 
_pdbx_validate_rmsd_bond.auth_atom_id_1            C2 
_pdbx_validate_rmsd_bond.auth_asym_id_1            A 
_pdbx_validate_rmsd_bond.auth_comp_id_1            0G 
_pdbx_validate_rmsd_bond.auth_seq_id_1             83 
_pdbx_validate_rmsd_bond.PDB_ins_code_1            ? 
_pdbx_validate_rmsd_bond.label_alt_id_1            ? 
_pdbx_validate_rmsd_bond.auth_atom_id_2            N3 
_pdbx_validate_rmsd_bond.auth_asym_id_2            A 
_pdbx_validate_rmsd_bond.auth_comp_id_2            0G 
_pdbx_validate_rmsd_bond.auth_seq_id_2             83 
_pdbx_validate_rmsd_bond.PDB_ins_code_2            ? 
_pdbx_validate_rmsd_bond.label_alt_id_2            ? 
_pdbx_validate_rmsd_bond.bond_value                1.372 
_pdbx_validate_rmsd_bond.bond_target_value         1.323 
_pdbx_validate_rmsd_bond.bond_deviation            0.049 
_pdbx_validate_rmsd_bond.bond_standard_deviation   0.008 
_pdbx_validate_rmsd_bond.linker_flag               N 
# 
loop_
_pdbx_validate_rmsd_angle.id 
_pdbx_validate_rmsd_angle.PDB_model_num 
_pdbx_validate_rmsd_angle.auth_atom_id_1 
_pdbx_validate_rmsd_angle.auth_asym_id_1 
_pdbx_validate_rmsd_angle.auth_comp_id_1 
_pdbx_validate_rmsd_angle.auth_seq_id_1 
_pdbx_validate_rmsd_angle.PDB_ins_code_1 
_pdbx_validate_rmsd_angle.label_alt_id_1 
_pdbx_validate_rmsd_angle.auth_atom_id_2 
_pdbx_validate_rmsd_angle.auth_asym_id_2 
_pdbx_validate_rmsd_angle.auth_comp_id_2 
_pdbx_validate_rmsd_angle.auth_seq_id_2 
_pdbx_validate_rmsd_angle.PDB_ins_code_2 
_pdbx_validate_rmsd_angle.label_alt_id_2 
_pdbx_validate_rmsd_angle.auth_atom_id_3 
_pdbx_validate_rmsd_angle.auth_asym_id_3 
_pdbx_validate_rmsd_angle.auth_comp_id_3 
_pdbx_validate_rmsd_angle.auth_seq_id_3 
_pdbx_validate_rmsd_angle.PDB_ins_code_3 
_pdbx_validate_rmsd_angle.label_alt_id_3 
_pdbx_validate_rmsd_angle.angle_value 
_pdbx_validate_rmsd_angle.angle_target_value 
_pdbx_validate_rmsd_angle.angle_deviation 
_pdbx_validate_rmsd_angle.angle_standard_deviation 
_pdbx_validate_rmsd_angle.linker_flag 
1 1 "O4'" A 0G 85 ? ? "C1'" A 0G 85 ? ? N9 A 0G 85 ? ? 113.17 108.50 4.67  0.70 N 
2 1 C2    C 0C 79 ? ? N3    C 0C 79 ? ? C4 C 0C 79 ? ? 123.70 119.90 3.80  0.50 N 
3 1 N3    C 0C 79 ? ? C4    C 0C 79 ? ? C5 C 0C 79 ? ? 119.16 121.90 -2.74 0.40 N 
4 1 "O4'" D 0G 96 ? ? "C1'" D 0G 96 ? ? N9 D 0G 96 ? ? 113.02 108.50 4.52  0.70 N 
# 
loop_
_pdbx_struct_special_symmetry.id 
_pdbx_struct_special_symmetry.PDB_model_num 
_pdbx_struct_special_symmetry.auth_asym_id 
_pdbx_struct_special_symmetry.auth_comp_id 
_pdbx_struct_special_symmetry.auth_seq_id 
_pdbx_struct_special_symmetry.PDB_ins_code 
_pdbx_struct_special_symmetry.label_asym_id 
_pdbx_struct_special_symmetry.label_comp_id 
_pdbx_struct_special_symmetry.label_seq_id 
1 1 A HOH 8   ? E HOH . 
2 1 A HOH 12  ? E HOH . 
3 1 A HOH 64  ? E HOH . 
4 1 C HOH 92  ? G HOH . 
5 1 C HOH 102 ? G HOH . 
# 
loop_
_chem_comp_atom.comp_id 
_chem_comp_atom.atom_id 
_chem_comp_atom.type_symbol 
_chem_comp_atom.pdbx_aromatic_flag 
_chem_comp_atom.pdbx_stereo_config 
_chem_comp_atom.pdbx_ordinal 
0C  OP3    O N N 1   
0C  P      P N N 2   
0C  OP1    O N N 3   
0C  OP2    O N N 4   
0C  "O5'"  O N N 5   
0C  "C5'"  C N N 6   
0C  "C4'"  C N S 7   
0C  "O4'"  O N N 8   
0C  "C3'"  C N R 9   
0C  "O3'"  O N N 10  
0C  "C2'"  C N S 11  
0C  "O2'"  O N N 12  
0C  "C1'"  C N S 13  
0C  N1     N N N 14  
0C  C2     C N N 15  
0C  O2     O N N 16  
0C  N3     N N N 17  
0C  C4     C N N 18  
0C  N4     N N N 19  
0C  C5     C N N 20  
0C  C6     C N N 21  
0C  HOP3   H N N 22  
0C  HOP2   H N N 23  
0C  "H5'"  H N N 24  
0C  "H5''" H N N 25  
0C  "H4'"  H N N 26  
0C  "H3'"  H N N 27  
0C  "HO3'" H N N 28  
0C  "H2'"  H N N 29  
0C  "HO2'" H N N 30  
0C  "H1'"  H N N 31  
0C  H41    H N N 32  
0C  H42    H N N 33  
0C  H5     H N N 34  
0C  H6     H N N 35  
0G  OP3    O N N 36  
0G  P      P N N 37  
0G  OP1    O N N 38  
0G  OP2    O N N 39  
0G  "O5'"  O N N 40  
0G  "C5'"  C N N 41  
0G  "C4'"  C N S 42  
0G  "O4'"  O N N 43  
0G  "C3'"  C N R 44  
0G  "O3'"  O N N 45  
0G  "C2'"  C N S 46  
0G  "O2'"  O N N 47  
0G  "C1'"  C N S 48  
0G  N9     N Y N 49  
0G  C8     C Y N 50  
0G  N7     N Y N 51  
0G  C6     C N N 52  
0G  O6     O N N 53  
0G  C5     C Y N 54  
0G  N1     N N N 55  
0G  C2     C N N 56  
0G  N2     N N N 57  
0G  N3     N N N 58  
0G  C4     C Y N 59  
0G  HOP3   H N N 60  
0G  HOP2   H N N 61  
0G  "H5'"  H N N 62  
0G  "H5''" H N N 63  
0G  "H4'"  H N N 64  
0G  "H3'"  H N N 65  
0G  "HO3'" H N N 66  
0G  "H2'"  H N N 67  
0G  "HO2'" H N N 68  
0G  "H1'"  H N N 69  
0G  H8     H N N 70  
0G  H1     H N N 71  
0G  H21    H N N 72  
0G  H22    H N N 73  
0U  OP3    O N N 74  
0U  P      P N N 75  
0U  OP1    O N N 76  
0U  OP2    O N N 77  
0U  "O5'"  O N N 78  
0U  "C5'"  C N N 79  
0U  "C4'"  C N S 80  
0U  "O4'"  O N N 81  
0U  "C3'"  C N R 82  
0U  "O3'"  O N N 83  
0U  "C2'"  C N S 84  
0U  "O2'"  O N N 85  
0U  "C1'"  C N S 86  
0U  N1     N N N 87  
0U  C2     C N N 88  
0U  O2     O N N 89  
0U  N3     N N N 90  
0U  C4     C N N 91  
0U  O4     O N N 92  
0U  C5     C N N 93  
0U  C6     C N N 94  
0U  HOP3   H N N 95  
0U  HOP2   H N N 96  
0U  "H5'"  H N N 97  
0U  "H5''" H N N 98  
0U  "H4'"  H N N 99  
0U  "H3'"  H N N 100 
0U  "HO3'" H N N 101 
0U  "H2'"  H N N 102 
0U  "HO2'" H N N 103 
0U  "H1'"  H N N 104 
0U  H3     H N N 105 
0U  H5     H N N 106 
0U  H6     H N N 107 
HOH O      O N N 108 
HOH H1     H N N 109 
HOH H2     H N N 110 
# 
loop_
_chem_comp_bond.comp_id 
_chem_comp_bond.atom_id_1 
_chem_comp_bond.atom_id_2 
_chem_comp_bond.value_order 
_chem_comp_bond.pdbx_aromatic_flag 
_chem_comp_bond.pdbx_stereo_config 
_chem_comp_bond.pdbx_ordinal 
0C  OP3   P      sing N N 1   
0C  OP3   HOP3   sing N N 2   
0C  P     OP1    doub N N 3   
0C  P     OP2    sing N N 4   
0C  P     "O5'"  sing N N 5   
0C  OP2   HOP2   sing N N 6   
0C  "O5'" "C5'"  sing N N 7   
0C  "C5'" "C4'"  sing N N 8   
0C  "C5'" "H5'"  sing N N 9   
0C  "C5'" "H5''" sing N N 10  
0C  "C4'" "O4'"  sing N N 11  
0C  "C4'" "C3'"  sing N N 12  
0C  "C4'" "H4'"  sing N N 13  
0C  "O4'" "C1'"  sing N N 14  
0C  "C3'" "O3'"  sing N N 15  
0C  "C3'" "C2'"  sing N N 16  
0C  "C3'" "H3'"  sing N N 17  
0C  "O3'" "HO3'" sing N N 18  
0C  "C2'" "O2'"  sing N N 19  
0C  "C2'" "C1'"  sing N N 20  
0C  "C2'" "H2'"  sing N N 21  
0C  "O2'" "HO2'" sing N N 22  
0C  "C1'" N1     sing N N 23  
0C  "C1'" "H1'"  sing N N 24  
0C  N1    C2     sing N N 25  
0C  N1    C6     sing N N 26  
0C  C2    O2     doub N N 27  
0C  C2    N3     sing N N 28  
0C  N3    C4     doub N N 29  
0C  C4    N4     sing N N 30  
0C  C4    C5     sing N N 31  
0C  N4    H41    sing N N 32  
0C  N4    H42    sing N N 33  
0C  C5    C6     doub N N 34  
0C  C5    H5     sing N N 35  
0C  C6    H6     sing N N 36  
0G  OP3   P      sing N N 37  
0G  OP3   HOP3   sing N N 38  
0G  P     OP1    doub N N 39  
0G  P     OP2    sing N N 40  
0G  P     "O5'"  sing N N 41  
0G  OP2   HOP2   sing N N 42  
0G  "O5'" "C5'"  sing N N 43  
0G  "C5'" "C4'"  sing N N 44  
0G  "C5'" "H5'"  sing N N 45  
0G  "C5'" "H5''" sing N N 46  
0G  "C4'" "O4'"  sing N N 47  
0G  "C4'" "C3'"  sing N N 48  
0G  "C4'" "H4'"  sing N N 49  
0G  "O4'" "C1'"  sing N N 50  
0G  "C3'" "O3'"  sing N N 51  
0G  "C3'" "C2'"  sing N N 52  
0G  "C3'" "H3'"  sing N N 53  
0G  "O3'" "HO3'" sing N N 54  
0G  "C2'" "O2'"  sing N N 55  
0G  "C2'" "C1'"  sing N N 56  
0G  "C2'" "H2'"  sing N N 57  
0G  "O2'" "HO2'" sing N N 58  
0G  "C1'" N9     sing N N 59  
0G  "C1'" "H1'"  sing N N 60  
0G  N9    C8     sing Y N 61  
0G  N9    C4     sing Y N 62  
0G  C8    N7     doub Y N 63  
0G  C8    H8     sing N N 64  
0G  N7    C5     sing Y N 65  
0G  C6    O6     doub N N 66  
0G  C6    C5     sing N N 67  
0G  C6    N1     sing N N 68  
0G  C5    C4     doub Y N 69  
0G  N1    C2     sing N N 70  
0G  N1    H1     sing N N 71  
0G  C2    N2     sing N N 72  
0G  C2    N3     doub N N 73  
0G  N2    H21    sing N N 74  
0G  N2    H22    sing N N 75  
0G  N3    C4     sing N N 76  
0U  OP3   P      sing N N 77  
0U  OP3   HOP3   sing N N 78  
0U  P     OP1    doub N N 79  
0U  P     OP2    sing N N 80  
0U  P     "O5'"  sing N N 81  
0U  OP2   HOP2   sing N N 82  
0U  "O5'" "C5'"  sing N N 83  
0U  "C5'" "C4'"  sing N N 84  
0U  "C5'" "H5'"  sing N N 85  
0U  "C5'" "H5''" sing N N 86  
0U  "C4'" "O4'"  sing N N 87  
0U  "C4'" "C3'"  sing N N 88  
0U  "C4'" "H4'"  sing N N 89  
0U  "O4'" "C1'"  sing N N 90  
0U  "C3'" "O3'"  sing N N 91  
0U  "C3'" "C2'"  sing N N 92  
0U  "C3'" "H3'"  sing N N 93  
0U  "O3'" "HO3'" sing N N 94  
0U  "C2'" "O2'"  sing N N 95  
0U  "C2'" "C1'"  sing N N 96  
0U  "C2'" "H2'"  sing N N 97  
0U  "O2'" "HO2'" sing N N 98  
0U  "C1'" N1     sing N N 99  
0U  "C1'" "H1'"  sing N N 100 
0U  N1    C2     sing N N 101 
0U  N1    C6     sing N N 102 
0U  C2    O2     doub N N 103 
0U  C2    N3     sing N N 104 
0U  N3    C4     sing N N 105 
0U  N3    H3     sing N N 106 
0U  C4    O4     doub N N 107 
0U  C4    C5     sing N N 108 
0U  C5    C6     doub N N 109 
0U  C5    H5     sing N N 110 
0U  C6    H6     sing N N 111 
HOH O     H1     sing N N 112 
HOH O     H2     sing N N 113 
# 
loop_
_ndb_struct_conf_na.entry_id 
_ndb_struct_conf_na.feature 
1R3O 'z-form double helix'  
1R3O 'mismatched base pair' 
# 
_atom_sites.entry_id                    1R3O 
_atom_sites.fract_transf_matrix[1][1]   -0.00277027 
_atom_sites.fract_transf_matrix[1][2]   -0.02179572 
_atom_sites.fract_transf_matrix[1][3]   -0.01201735 
_atom_sites.fract_transf_matrix[2][1]   0.01684635 
_atom_sites.fract_transf_matrix[2][2]   -0.01826111 
_atom_sites.fract_transf_matrix[2][3]   0.00314392 
_atom_sites.fract_transf_matrix[3][1]   -0.00201215 
_atom_sites.fract_transf_matrix[3][2]   -0.00135370 
_atom_sites.fract_transf_matrix[3][3]   0.00291904 
_atom_sites.fract_transf_vector[1]      -0.024624 
_atom_sites.fract_transf_vector[2]      0.355902 
_atom_sites.fract_transf_vector[3]      0.414621 
# 
loop_
_atom_type.symbol 
C 
N 
O 
P 
# 
loop_
_atom_site.group_PDB 
_atom_site.id 
_atom_site.type_symbol 
_atom_site.label_atom_id 
_atom_site.label_alt_id 
_atom_site.label_comp_id 
_atom_site.label_asym_id 
_atom_site.label_entity_id 
_atom_site.label_seq_id 
_atom_site.pdbx_PDB_ins_code 
_atom_site.Cartn_x 
_atom_site.Cartn_y 
_atom_site.Cartn_z 
_atom_site.occupancy 
_atom_site.B_iso_or_equiv 
_atom_site.pdbx_formal_charge 
_atom_site.auth_seq_id 
_atom_site.auth_comp_id 
_atom_site.auth_asym_id 
_atom_site.auth_atom_id 
_atom_site.pdbx_PDB_model_num 
HETATM 1   O "O5'" . 0C  A 1 1 ? -2.828  6.523   -5.043  1.00 46.94 ? 79  0C  A "O5'" 1 
HETATM 2   C "C5'" . 0C  A 1 1 ? -4.150  6.967   -5.262  1.00 46.56 ? 79  0C  A "C5'" 1 
HETATM 3   C "C4'" . 0C  A 1 1 ? -5.010  5.840   -5.799  1.00 47.15 ? 79  0C  A "C4'" 1 
HETATM 4   O "O4'" . 0C  A 1 1 ? -5.297  4.900   -4.742  1.00 45.60 ? 79  0C  A "O4'" 1 
HETATM 5   C "C3'" . 0C  A 1 1 ? -4.432  4.976   -6.907  1.00 48.62 ? 79  0C  A "C3'" 1 
HETATM 6   O "O3'" . 0C  A 1 1 ? -4.597  5.573   -8.209  1.00 52.09 ? 79  0C  A "O3'" 1 
HETATM 7   C "C2'" . 0C  A 1 1 ? -5.285  3.724   -6.777  1.00 46.18 ? 79  0C  A "C2'" 1 
HETATM 8   O "O2'" . 0C  A 1 1 ? -6.563  3.884   -7.339  1.00 45.81 ? 79  0C  A "O2'" 1 
HETATM 9   C "C1'" . 0C  A 1 1 ? -5.427  3.584   -5.267  1.00 46.03 ? 79  0C  A "C1'" 1 
HETATM 10  N N1    . 0C  A 1 1 ? -4.426  2.668   -4.646  1.00 42.95 ? 79  0C  A N1    1 
HETATM 11  C C2    . 0C  A 1 1 ? -4.626  1.273   -4.639  1.00 41.13 ? 79  0C  A C2    1 
HETATM 12  O O2    . 0C  A 1 1 ? -5.637  0.795   -5.155  1.00 42.43 ? 79  0C  A O2    1 
HETATM 13  N N3    . 0C  A 1 1 ? -3.685  0.480   -4.046  1.00 40.06 ? 79  0C  A N3    1 
HETATM 14  C C4    . 0C  A 1 1 ? -2.604  1.031   -3.475  1.00 41.39 ? 79  0C  A C4    1 
HETATM 15  N N4    . 0C  A 1 1 ? -1.684  0.248   -2.898  1.00 38.59 ? 79  0C  A N4    1 
HETATM 16  C C5    . 0C  A 1 1 ? -2.392  2.443   -3.473  1.00 41.40 ? 79  0C  A C5    1 
HETATM 17  C C6    . 0C  A 1 1 ? -3.310  3.210   -4.061  1.00 42.28 ? 79  0C  A C6    1 
HETATM 18  P P     . 0U  A 1 2 ? -3.552  5.207   -9.374  1.00 53.66 ? 80  0U  A P     1 
HETATM 19  O OP1   . 0U  A 1 2 ? -2.197  5.412   -8.791  1.00 53.92 ? 80  0U  A OP1   1 
HETATM 20  O OP2   . 0U  A 1 2 ? -3.993  5.915   -10.611 1.00 55.11 ? 80  0U  A OP2   1 
HETATM 21  O "O5'" . 0U  A 1 2 ? -3.794  3.697   -9.624  1.00 47.64 ? 80  0U  A "O5'" 1 
HETATM 22  C "C5'" . 0U  A 1 2 ? -4.993  3.290   -10.240 1.00 47.85 ? 80  0U  A "C5'" 1 
HETATM 23  C "C4'" . 0U  A 1 2 ? -5.039  1.789   -10.242 1.00 47.47 ? 80  0U  A "C4'" 1 
HETATM 24  O "O4'" . 0U  A 1 2 ? -5.055  1.258   -8.888  1.00 46.36 ? 80  0U  A "O4'" 1 
HETATM 25  C "C3'" . 0U  A 1 2 ? -3.837  1.109   -10.912 1.00 48.31 ? 80  0U  A "C3'" 1 
HETATM 26  O "O3'" . 0U  A 1 2 ? -4.005  1.044   -12.338 1.00 47.75 ? 80  0U  A "O3'" 1 
HETATM 27  C "C2'" . 0U  A 1 2 ? -3.952  -0.281  -10.316 1.00 47.56 ? 80  0U  A "C2'" 1 
HETATM 28  O "O2'" . 0U  A 1 2 ? -4.946  -1.010  -10.987 1.00 47.12 ? 80  0U  A "O2'" 1 
HETATM 29  C "C1'" . 0U  A 1 2 ? -4.348  0.017   -8.860  1.00 46.93 ? 80  0U  A "C1'" 1 
HETATM 30  N N1    . 0U  A 1 2 ? -3.141  0.090   -7.951  1.00 46.84 ? 80  0U  A N1    1 
HETATM 31  C C2    . 0U  A 1 2 ? -2.585  -1.066  -7.433  1.00 45.96 ? 80  0U  A C2    1 
HETATM 32  O O2    . 0U  A 1 2 ? -3.049  -2.174  -7.643  1.00 43.56 ? 80  0U  A O2    1 
HETATM 33  N N3    . 0U  A 1 2 ? -1.483  -0.869  -6.626  1.00 46.76 ? 80  0U  A N3    1 
HETATM 34  C C4    . 0U  A 1 2 ? -0.876  0.337   -6.321  1.00 49.52 ? 80  0U  A C4    1 
HETATM 35  O O4    . 0U  A 1 2 ? 0.118   0.389   -5.591  1.00 52.54 ? 80  0U  A O4    1 
HETATM 36  C C5    . 0U  A 1 2 ? -1.491  1.493   -6.912  1.00 48.92 ? 80  0U  A C5    1 
HETATM 37  C C6    . 0U  A 1 2 ? -2.569  1.320   -7.683  1.00 47.78 ? 80  0U  A C6    1 
HETATM 38  P P     . 0G  A 1 3 ? -2.755  0.831   -13.345 1.00 48.90 ? 81  0G  A P     1 
HETATM 39  O OP1   . 0G  A 1 3 ? -1.576  1.535   -12.839 1.00 43.70 ? 81  0G  A OP1   1 
HETATM 40  O OP2   . 0G  A 1 3 ? -3.311  1.104   -14.699 1.00 48.94 ? 81  0G  A OP2   1 
HETATM 41  O "O5'" . 0G  A 1 3 ? -2.461  -0.738  -13.311 1.00 43.31 ? 81  0G  A "O5'" 1 
HETATM 42  C "C5'" . 0G  A 1 3 ? -3.436  -1.618  -13.839 1.00 42.61 ? 81  0G  A "C5'" 1 
HETATM 43  C "C4'" . 0G  A 1 3 ? -2.938  -3.040  -13.834 1.00 42.60 ? 81  0G  A "C4'" 1 
HETATM 44  O "O4'" . 0G  A 1 3 ? -2.964  -3.513  -12.462 1.00 43.22 ? 81  0G  A "O4'" 1 
HETATM 45  C "C3'" . 0G  A 1 3 ? -1.482  -3.286  -14.285 1.00 41.74 ? 81  0G  A "C3'" 1 
HETATM 46  O "O3'" . 0G  A 1 3 ? -1.317  -3.285  -15.720 1.00 41.22 ? 81  0G  A "O3'" 1 
HETATM 47  C "C2'" . 0G  A 1 3 ? -1.302  -4.676  -13.682 1.00 40.93 ? 81  0G  A "C2'" 1 
HETATM 48  O "O2'" . 0G  A 1 3 ? -2.022  -5.693  -14.375 1.00 40.14 ? 81  0G  A "O2'" 1 
HETATM 49  C "C1'" . 0G  A 1 3 ? -1.909  -4.443  -12.300 1.00 41.98 ? 81  0G  A "C1'" 1 
HETATM 50  N N9    . 0G  A 1 3 ? -0.964  -3.919  -11.322 1.00 42.04 ? 81  0G  A N9    1 
HETATM 51  C C8    . 0G  A 1 3 ? -0.817  -2.627  -10.869 1.00 41.02 ? 81  0G  A C8    1 
HETATM 52  N N7    . 0G  A 1 3 ? 0.127   -2.491  -9.984  1.00 40.68 ? 81  0G  A N7    1 
HETATM 53  C C6    . 0G  A 1 3 ? 1.722   -4.257  -9.035  1.00 41.97 ? 81  0G  A C6    1 
HETATM 54  O O6    . 0G  A 1 3 ? 2.455   -3.641  -8.232  1.00 43.15 ? 81  0G  A O6    1 
HETATM 55  C C5    . 0G  A 1 3 ? 0.672   -3.766  -9.852  1.00 40.30 ? 81  0G  A C5    1 
HETATM 56  N N1    . 0G  A 1 3 ? 1.931   -5.628  -9.220  1.00 41.72 ? 81  0G  A N1    1 
HETATM 57  C C2    . 0G  A 1 3 ? 1.214   -6.429  -10.090 1.00 41.55 ? 81  0G  A C2    1 
HETATM 58  N N2    . 0G  A 1 3 ? 1.577   -7.728  -10.141 1.00 38.99 ? 81  0G  A N2    1 
HETATM 59  N N3    . 0G  A 1 3 ? 0.216   -5.989  -10.856 1.00 40.26 ? 81  0G  A N3    1 
HETATM 60  C C4    . 0G  A 1 3 ? -0.001  -4.661  -10.678 1.00 41.83 ? 81  0G  A C4    1 
HETATM 61  P P     . 0G  A 1 4 ? 0.051   -2.889  -16.449 1.00 42.55 ? 82  0G  A P     1 
HETATM 62  O OP1   . 0G  A 1 4 ? 0.644   -1.656  -15.918 1.00 41.21 ? 82  0G  A OP1   1 
HETATM 63  O OP2   . 0G  A 1 4 ? -0.194  -2.914  -17.901 1.00 44.58 ? 82  0G  A OP2   1 
HETATM 64  O "O5'" . 0G  A 1 4 ? 1.093   -4.056  -16.063 1.00 40.56 ? 82  0G  A "O5'" 1 
HETATM 65  C "C5'" . 0G  A 1 4 ? 0.843   -5.392  -16.444 1.00 41.58 ? 82  0G  A "C5'" 1 
HETATM 66  C "C4'" . 0G  A 1 4 ? 1.896   -6.326  -15.872 1.00 40.09 ? 82  0G  A "C4'" 1 
HETATM 67  O "O4'" . 0G  A 1 4 ? 1.678   -6.465  -14.441 1.00 39.19 ? 82  0G  A "O4'" 1 
HETATM 68  C "C3'" . 0G  A 1 4 ? 3.347   -5.873  -15.988 1.00 39.86 ? 82  0G  A "C3'" 1 
HETATM 69  O "O3'" . 0G  A 1 4 ? 3.906   -6.127  -17.294 1.00 39.14 ? 82  0G  A "O3'" 1 
HETATM 70  C "C2'" . 0G  A 1 4 ? 3.980   -6.706  -14.885 1.00 39.07 ? 82  0G  A "C2'" 1 
HETATM 71  O "O2'" . 0G  A 1 4 ? 4.160   -8.060  -15.238 1.00 39.89 ? 82  0G  A "O2'" 1 
HETATM 72  C "C1'" . 0G  A 1 4 ? 2.928   -6.571  -13.794 1.00 38.77 ? 82  0G  A "C1'" 1 
HETATM 73  N N9    . 0G  A 1 4 ? 3.184   -5.402  -12.978 1.00 41.31 ? 82  0G  A N9    1 
HETATM 74  C C8    . 0G  A 1 4 ? 2.557   -4.171  -13.008 1.00 41.99 ? 82  0G  A C8    1 
HETATM 75  N N7    . 0G  A 1 4 ? 3.066   -3.330  -12.151 1.00 45.32 ? 82  0G  A N7    1 
HETATM 76  C C6    . 0G  A 1 4 ? 4.996   -3.681  -10.504 1.00 48.22 ? 82  0G  A C6    1 
HETATM 77  O O6    . 0G  A 1 4 ? 5.069   -2.575  -9.937  1.00 50.94 ? 82  0G  A O6    1 
HETATM 78  C C5    . 0G  A 1 4 ? 4.089   -4.059  -11.523 1.00 44.03 ? 82  0G  A C5    1 
HETATM 79  N N1    . 0G  A 1 4 ? 5.907   -4.701  -10.150 1.00 46.42 ? 82  0G  A N1    1 
HETATM 80  C C2    . 0G  A 1 4 ? 5.888   -5.960  -10.730 1.00 44.98 ? 82  0G  A C2    1 
HETATM 81  N N2    . 0G  A 1 4 ? 6.826   -6.797  -10.260 1.00 39.97 ? 82  0G  A N2    1 
HETATM 82  N N3    . 0G  A 1 4 ? 5.033   -6.330  -11.708 1.00 41.92 ? 82  0G  A N3    1 
HETATM 83  C C4    . 0G  A 1 4 ? 4.179   -5.327  -12.041 1.00 42.23 ? 82  0G  A C4    1 
HETATM 84  P P     . 0G  A 1 5 ? 5.042   -5.190  -17.925 1.00 40.36 ? 83  0G  A P     1 
HETATM 85  O OP1   . 0G  A 1 5 ? 4.719   -3.774  -17.665 1.00 41.63 ? 83  0G  A OP1   1 
HETATM 86  O OP2   . 0G  A 1 5 ? 5.234   -5.633  -19.325 1.00 43.20 ? 83  0G  A OP2   1 
HETATM 87  O "O5'" . 0G  A 1 5 ? 6.408   -5.480  -17.165 1.00 38.33 ? 83  0G  A "O5'" 1 
HETATM 88  C "C5'" . 0G  A 1 5 ? 6.909   -6.832  -17.197 1.00 38.85 ? 83  0G  A "C5'" 1 
HETATM 89  C "C4'" . 0G  A 1 5 ? 7.999   -7.057  -16.171 1.00 37.76 ? 83  0G  A "C4'" 1 
HETATM 90  O "O4'" . 0G  A 1 5 ? 7.485   -6.974  -14.808 1.00 40.30 ? 83  0G  A "O4'" 1 
HETATM 91  C "C3'" . 0G  A 1 5 ? 9.129   -6.049  -16.242 1.00 37.34 ? 83  0G  A "C3'" 1 
HETATM 92  O "O3'" . 0G  A 1 5 ? 10.023  -6.334  -17.357 1.00 33.79 ? 83  0G  A "O3'" 1 
HETATM 93  C "C2'" . 0G  A 1 5 ? 9.736   -6.204  -14.836 1.00 36.87 ? 83  0G  A "C2'" 1 
HETATM 94  O "O2'" . 0G  A 1 5 ? 10.605  -7.301  -14.705 1.00 36.09 ? 83  0G  A "O2'" 1 
HETATM 95  C "C1'" . 0G  A 1 5 ? 8.497   -6.380  -13.981 1.00 38.78 ? 83  0G  A "C1'" 1 
HETATM 96  N N9    . 0G  A 1 5 ? 8.074   -5.093  -13.450 1.00 41.07 ? 83  0G  A N9    1 
HETATM 97  C C8    . 0G  A 1 5 ? 7.032   -4.314  -13.883 1.00 41.84 ? 83  0G  A C8    1 
HETATM 98  N N7    . 0G  A 1 5 ? 6.904   -3.184  -13.229 1.00 44.08 ? 83  0G  A N7    1 
HETATM 99  C C6    . 0G  A 1 5 ? 8.282   -2.271  -11.309 1.00 47.48 ? 83  0G  A C6    1 
HETATM 100 O O6    . 0G  A 1 5 ? 7.690   -1.208  -11.100 1.00 48.15 ? 83  0G  A O6    1 
HETATM 101 C C5    . 0G  A 1 5 ? 7.932   -3.225  -12.283 1.00 44.65 ? 83  0G  A C5    1 
HETATM 102 N N1    . 0G  A 1 5 ? 9.396   -2.630  -10.532 1.00 46.43 ? 83  0G  A N1    1 
HETATM 103 C C2    . 0G  A 1 5 ? 10.085  -3.804  -10.716 1.00 47.64 ? 83  0G  A C2    1 
HETATM 104 N N2    . 0G  A 1 5 ? 11.131  -3.954  -9.858  1.00 44.54 ? 83  0G  A N2    1 
HETATM 105 N N3    . 0G  A 1 5 ? 9.759   -4.735  -11.669 1.00 44.04 ? 83  0G  A N3    1 
HETATM 106 C C4    . 0G  A 1 5 ? 8.676   -4.379  -12.405 1.00 43.44 ? 83  0G  A C4    1 
HETATM 107 P P     . 0C  A 1 6 ? 10.856  -5.163  -18.025 1.00 36.77 ? 84  0C  A P     1 
HETATM 108 O OP1   . 0C  A 1 6 ? 9.900   -4.039  -18.257 1.00 37.16 ? 84  0C  A OP1   1 
HETATM 109 O OP2   . 0C  A 1 6 ? 11.651  -5.719  -19.157 1.00 34.57 ? 84  0C  A OP2   1 
HETATM 110 O "O5'" . 0C  A 1 6 ? 11.891  -4.587  -16.924 1.00 34.36 ? 84  0C  A "O5'" 1 
HETATM 111 C "C5'" . 0C  A 1 6 ? 13.065  -5.349  -16.583 1.00 33.99 ? 84  0C  A "C5'" 1 
HETATM 112 C "C4'" . 0C  A 1 6 ? 13.763  -4.786  -15.353 1.00 32.76 ? 84  0C  A "C4'" 1 
HETATM 113 O "O4'" . 0C  A 1 6 ? 12.897  -4.740  -14.196 1.00 32.43 ? 84  0C  A "O4'" 1 
HETATM 114 C "C3'" . 0C  A 1 6 ? 14.304  -3.370  -15.464 1.00 34.92 ? 84  0C  A "C3'" 1 
HETATM 115 O "O3'" . 0C  A 1 6 ? 15.427  -3.320  -16.302 1.00 33.95 ? 84  0C  A "O3'" 1 
HETATM 116 C "C2'" . 0C  A 1 6 ? 14.601  -3.122  -13.989 1.00 36.27 ? 84  0C  A "C2'" 1 
HETATM 117 O "O2'" . 0C  A 1 6 ? 15.741  -3.807  -13.538 1.00 35.76 ? 84  0C  A "O2'" 1 
HETATM 118 C "C1'" . 0C  A 1 6 ? 13.326  -3.659  -13.375 1.00 36.75 ? 84  0C  A "C1'" 1 
HETATM 119 N N1    . 0C  A 1 6 ? 12.277  -2.607  -13.337 1.00 37.14 ? 84  0C  A N1    1 
HETATM 120 C C2    . 0C  A 1 6 ? 12.345  -1.582  -12.356 1.00 40.57 ? 84  0C  A C2    1 
HETATM 121 O O2    . 0C  A 1 6 ? 13.283  -1.571  -11.534 1.00 40.60 ? 84  0C  A O2    1 
HETATM 122 N N3    . 0C  A 1 6 ? 11.372  -0.620  -12.358 1.00 39.90 ? 84  0C  A N3    1 
HETATM 123 C C4    . 0C  A 1 6 ? 10.361  -0.657  -13.250 1.00 41.99 ? 84  0C  A C4    1 
HETATM 124 N N4    . 0C  A 1 6 ? 9.410   0.308   -13.216 1.00 39.86 ? 84  0C  A N4    1 
HETATM 125 C C5    . 0C  A 1 6 ? 10.278  -1.682  -14.238 1.00 40.30 ? 84  0C  A C5    1 
HETATM 126 C C6    . 0C  A 1 6 ? 11.243  -2.616  -14.248 1.00 40.59 ? 84  0C  A C6    1 
HETATM 127 P P     . 0G  A 1 7 ? 16.003  -1.978  -16.960 1.00 37.30 ? 85  0G  A P     1 
HETATM 128 O OP1   . 0G  A 1 7 ? 14.845  -1.246  -17.530 1.00 36.52 ? 85  0G  A OP1   1 
HETATM 129 O OP2   . 0G  A 1 7 ? 17.149  -2.399  -17.773 1.00 35.26 ? 85  0G  A OP2   1 
HETATM 130 O "O5'" . 0G  A 1 7 ? 16.450  -1.108  -15.688 1.00 36.21 ? 85  0G  A "O5'" 1 
HETATM 131 C "C5'" . 0G  A 1 7 ? 17.695  -1.414  -15.086 1.00 37.74 ? 85  0G  A "C5'" 1 
HETATM 132 C "C4'" . 0G  A 1 7 ? 17.944  -0.516  -13.880 1.00 38.47 ? 85  0G  A "C4'" 1 
HETATM 133 O "O4'" . 0G  A 1 7 ? 16.858  -0.579  -12.919 1.00 39.08 ? 85  0G  A "O4'" 1 
HETATM 134 C "C3'" . 0G  A 1 7 ? 18.058  0.980   -14.147 1.00 39.50 ? 85  0G  A "C3'" 1 
HETATM 135 O "O3'" . 0G  A 1 7 ? 19.310  1.324   -14.634 1.00 41.66 ? 85  0G  A "O3'" 1 
HETATM 136 C "C2'" . 0G  A 1 7 ? 17.816  1.556   -12.770 1.00 38.45 ? 85  0G  A "C2'" 1 
HETATM 137 O "O2'" . 0G  A 1 7 ? 18.895  1.406   -11.864 1.00 36.55 ? 85  0G  A "O2'" 1 
HETATM 138 C "C1'" . 0G  A 1 7 ? 16.627  0.712   -12.352 1.00 39.34 ? 85  0G  A "C1'" 1 
HETATM 139 N N9    . 0G  A 1 7 ? 15.362  1.314   -12.783 1.00 40.62 ? 85  0G  A N9    1 
HETATM 140 C C8    . 0G  A 1 7 ? 14.490  0.896   -13.763 1.00 43.52 ? 85  0G  A C8    1 
HETATM 141 N N7    . 0G  A 1 7 ? 13.432  1.660   -13.901 1.00 41.37 ? 85  0G  A N7    1 
HETATM 142 C C6    . 0G  A 1 7 ? 12.819  3.787   -12.655 1.00 42.92 ? 85  0G  A C6    1 
HETATM 143 O O6    . 0G  A 1 7 ? 11.739  4.097   -13.204 1.00 40.86 ? 85  0G  A O6    1 
HETATM 144 C C5    . 0G  A 1 7 ? 13.630  2.662   -12.967 1.00 42.14 ? 85  0G  A C5    1 
HETATM 145 N N1    . 0G  A 1 7 ? 13.358  4.577   -11.638 1.00 40.14 ? 85  0G  A N1    1 
HETATM 146 C C2    . 0G  A 1 7 ? 14.541  4.309   -10.995 1.00 44.03 ? 85  0G  A C2    1 
HETATM 147 N N2    . 0G  A 1 7 ? 14.921  5.192   -10.042 1.00 41.48 ? 85  0G  A N2    1 
HETATM 148 N N3    . 0G  A 1 7 ? 15.313  3.247   -11.277 1.00 44.01 ? 85  0G  A N3    1 
HETATM 149 C C4    . 0G  A 1 7 ? 14.799  2.460   -12.263 1.00 42.91 ? 85  0G  A C4    1 
HETATM 150 P P     . 0G  A 1 8 ? 19.553  2.533   -15.649 1.00 42.46 ? 86  0G  A P     1 
HETATM 151 O OP1   . 0G  A 1 8 ? 18.541  2.543   -16.729 1.00 44.75 ? 86  0G  A OP1   1 
HETATM 152 O OP2   . 0G  A 1 8 ? 20.976  2.423   -16.024 1.00 41.76 ? 86  0G  A OP2   1 
HETATM 153 O "O5'" . 0G  A 1 8 ? 19.342  3.834   -14.753 1.00 41.30 ? 86  0G  A "O5'" 1 
HETATM 154 C "C5'" . 0G  A 1 8 ? 20.200  4.093   -13.638 1.00 41.55 ? 86  0G  A "C5'" 1 
HETATM 155 C "C4'" . 0G  A 1 8 ? 19.722  5.247   -12.766 1.00 41.31 ? 86  0G  A "C4'" 1 
HETATM 156 O "O4'" . 0G  A 1 8 ? 18.437  5.014   -12.140 1.00 41.99 ? 86  0G  A "O4'" 1 
HETATM 157 C "C3'" . 0G  A 1 8 ? 19.568  6.588   -13.468 1.00 41.94 ? 86  0G  A "C3'" 1 
HETATM 158 O "O3'" . 0G  A 1 8 ? 20.836  7.186   -13.635 1.00 43.48 ? 86  0G  A "O3'" 1 
HETATM 159 C "C2'" . 0G  A 1 8 ? 18.638  7.341   -12.532 1.00 41.91 ? 86  0G  A "C2'" 1 
HETATM 160 O "O2'" . 0G  A 1 8 ? 19.265  7.817   -11.339 1.00 42.58 ? 86  0G  A "O2'" 1 
HETATM 161 C "C1'" . 0G  A 1 8 ? 17.659  6.214   -12.206 1.00 42.45 ? 86  0G  A "C1'" 1 
HETATM 162 N N9    . 0G  A 1 8 ? 16.544  6.054   -13.162 1.00 41.79 ? 86  0G  A N9    1 
HETATM 163 C C8    . 0G  A 1 8 ? 16.357  5.121   -14.168 1.00 41.87 ? 86  0G  A C8    1 
HETATM 164 N N7    . 0G  A 1 8 ? 15.223  5.265   -14.823 1.00 41.37 ? 86  0G  A N7    1 
HETATM 165 C C6    . 0G  A 1 8 ? 13.399  7.005   -14.455 1.00 41.07 ? 86  0G  A C6    1 
HETATM 166 O O6    . 0G  A 1 8 ? 12.550  6.726   -15.329 1.00 37.96 ? 86  0G  A O6    1 
HETATM 167 C C5    . 0G  A 1 8 ? 14.634  6.358   -14.202 1.00 39.71 ? 86  0G  A C5    1 
HETATM 168 N N1    . 0G  A 1 8 ? 13.192  8.102   -13.582 1.00 40.50 ? 86  0G  A N1    1 
HETATM 169 C C2    . 0G  A 1 8 ? 14.066  8.510   -12.593 1.00 41.50 ? 86  0G  A C2    1 
HETATM 170 N N2    . 0G  A 1 8 ? 13.690  9.574   -11.854 1.00 39.36 ? 86  0G  A N2    1 
HETATM 171 N N3    . 0G  A 1 8 ? 15.220  7.910   -12.347 1.00 40.52 ? 86  0G  A N3    1 
HETATM 172 C C4    . 0G  A 1 8 ? 15.427  6.849   -13.182 1.00 40.73 ? 86  0G  A C4    1 
HETATM 173 O "O5'" . 0C  B 2 1 ? 5.186   11.762  -12.667 1.00 45.93 ? 90  0C  B "O5'" 1 
HETATM 174 C "C5'" . 0C  B 2 1 ? 5.399   12.964  -11.988 1.00 44.65 ? 90  0C  B "C5'" 1 
HETATM 175 C "C4'" . 0C  B 2 1 ? 6.847   13.114  -11.589 1.00 44.68 ? 90  0C  B "C4'" 1 
HETATM 176 O "O4'" . 0C  B 2 1 ? 7.709   12.980  -12.753 1.00 43.74 ? 90  0C  B "O4'" 1 
HETATM 177 C "C3'" . 0C  B 2 1 ? 7.393   12.086  -10.608 1.00 45.61 ? 90  0C  B "C3'" 1 
HETATM 178 O "O3'" . 0C  B 2 1 ? 7.008   12.381  -9.253  1.00 47.51 ? 90  0C  B "O3'" 1 
HETATM 179 C "C2'" . 0C  B 2 1 ? 8.883   12.262  -10.840 1.00 44.07 ? 90  0C  B "C2'" 1 
HETATM 180 O "O2'" . 0C  B 2 1 ? 9.342   13.446  -10.222 1.00 43.36 ? 90  0C  B "O2'" 1 
HETATM 181 C "C1'" . 0C  B 2 1 ? 8.945   12.385  -12.361 1.00 42.77 ? 90  0C  B "C1'" 1 
HETATM 182 N N1    . 0C  B 2 1 ? 9.150   11.085  -13.106 1.00 40.63 ? 90  0C  B N1    1 
HETATM 183 C C2    . 0C  B 2 1 ? 10.410  10.503  -13.093 1.00 41.56 ? 90  0C  B C2    1 
HETATM 184 O O2    . 0C  B 2 1 ? 11.282  11.097  -12.459 1.00 39.86 ? 90  0C  B O2    1 
HETATM 185 N N3    . 0C  B 2 1 ? 10.618  9.332   -13.779 1.00 40.92 ? 90  0C  B N3    1 
HETATM 186 C C4    . 0C  B 2 1 ? 9.609   8.744   -14.455 1.00 40.75 ? 90  0C  B C4    1 
HETATM 187 N N4    . 0C  B 2 1 ? 9.824   7.589   -15.123 1.00 34.70 ? 90  0C  B N4    1 
HETATM 188 C C5    . 0C  B 2 1 ? 8.310   9.329   -14.466 1.00 41.24 ? 90  0C  B C5    1 
HETATM 189 C C6    . 0C  B 2 1 ? 8.137   10.478  -13.808 1.00 40.46 ? 90  0C  B C6    1 
HETATM 190 P P     . 0C  B 2 2 ? 6.711   11.222  -8.182  1.00 47.34 ? 91  0C  B P     1 
HETATM 191 O OP1   . 0C  B 2 2 ? 5.859   10.173  -8.764  1.00 47.89 ? 91  0C  B OP1   1 
HETATM 192 O OP2   . 0C  B 2 2 ? 6.300   11.982  -6.973  1.00 49.77 ? 91  0C  B OP2   1 
HETATM 193 O "O5'" . 0C  B 2 2 ? 8.127   10.578  -7.915  1.00 44.99 ? 91  0C  B "O5'" 1 
HETATM 194 C "C5'" . 0C  B 2 2 ? 9.120   11.343  -7.295  1.00 47.48 ? 91  0C  B "C5'" 1 
HETATM 195 C "C4'" . 0C  B 2 2 ? 10.424  10.583  -7.283  1.00 47.97 ? 91  0C  B "C4'" 1 
HETATM 196 O "O4'" . 0C  B 2 2 ? 10.934  10.462  -8.630  1.00 49.05 ? 91  0C  B "O4'" 1 
HETATM 197 C "C3'" . 0C  B 2 2 ? 10.338  9.137   -6.811  1.00 49.74 ? 91  0C  B "C3'" 1 
HETATM 198 O "O3'" . 0C  B 2 2 ? 10.174  9.062   -5.382  1.00 53.02 ? 91  0C  B "O3'" 1 
HETATM 199 C "C2'" . 0C  B 2 2 ? 11.652  8.603   -7.375  1.00 47.79 ? 91  0C  B "C2'" 1 
HETATM 200 O "O2'" . 0C  B 2 2 ? 12.814  9.022   -6.698  1.00 48.32 ? 91  0C  B "O2'" 1 
HETATM 201 C "C1'" . 0C  B 2 2 ? 11.614  9.214   -8.766  1.00 47.21 ? 91  0C  B "C1'" 1 
HETATM 202 N N1    . 0C  B 2 2 ? 10.897  8.335   -9.781  1.00 45.48 ? 91  0C  B N1    1 
HETATM 203 C C2    . 0C  B 2 2 ? 11.609  7.284   -10.379 1.00 44.88 ? 91  0C  B C2    1 
HETATM 204 O O2    . 0C  B 2 2 ? 12.790  7.129   -10.046 1.00 47.05 ? 91  0C  B O2    1 
HETATM 205 N N3    . 0C  B 2 2 ? 10.981  6.493   -11.290 1.00 43.37 ? 91  0C  B N3    1 
HETATM 206 C C4    . 0C  B 2 2 ? 9.703   6.704   -11.616 1.00 42.30 ? 91  0C  B C4    1 
HETATM 207 N N4    . 0C  B 2 2 ? 9.110   5.917   -12.529 1.00 41.92 ? 91  0C  B N4    1 
HETATM 208 C C5    . 0C  B 2 2 ? 8.965   7.779   -11.013 1.00 44.56 ? 91  0C  B C5    1 
HETATM 209 C C6    . 0C  B 2 2 ? 9.599   8.545   -10.117 1.00 43.01 ? 91  0C  B C6    1 
HETATM 210 P P     . 0G  B 2 3 ? 9.436   7.803   -4.699  1.00 54.60 ? 92  0G  B P     1 
HETATM 211 O OP1   . 0G  B 2 3 ? 8.342   7.293   -5.576  1.00 54.45 ? 92  0G  B OP1   1 
HETATM 212 O OP2   . 0G  B 2 3 ? 9.154   8.193   -3.302  1.00 54.77 ? 92  0G  B OP2   1 
HETATM 213 O "O5'" . 0G  B 2 3 ? 10.616  6.716   -4.760  1.00 50.36 ? 92  0G  B "O5'" 1 
HETATM 214 C "C5'" . 0G  B 2 3 ? 11.912  6.944   -4.208  1.00 49.29 ? 92  0G  B "C5'" 1 
HETATM 215 C "C4'" . 0G  B 2 3 ? 12.882  5.803   -4.529  1.00 48.20 ? 92  0G  B "C4'" 1 
HETATM 216 O "O4'" . 0G  B 2 3 ? 13.316  5.867   -5.920  1.00 47.26 ? 92  0G  B "O4'" 1 
HETATM 217 C "C3'" . 0G  B 2 3 ? 12.391  4.358   -4.384  1.00 46.92 ? 92  0G  B "C3'" 1 
HETATM 218 O "O3'" . 0G  B 2 3 ? 12.451  3.854   -3.035  1.00 45.31 ? 92  0G  B "O3'" 1 
HETATM 219 C "C2'" . 0G  B 2 3 ? 13.417  3.634   -5.235  1.00 44.05 ? 92  0G  B "C2'" 1 
HETATM 220 O "O2'" . 0G  B 2 3 ? 14.665  3.521   -4.604  1.00 43.19 ? 92  0G  B "O2'" 1 
HETATM 221 C "C1'" . 0G  B 2 3 ? 13.530  4.555   -6.439  1.00 45.96 ? 92  0G  B "C1'" 1 
HETATM 222 N N9    . 0G  B 2 3 ? 12.529  4.223   -7.469  1.00 44.59 ? 92  0G  B N9    1 
HETATM 223 C C8    . 0G  B 2 3 ? 11.342  4.857   -7.688  1.00 44.20 ? 92  0G  B C8    1 
HETATM 224 N N7    . 0G  B 2 3 ? 10.633  4.329   -8.647  1.00 45.25 ? 92  0G  B N7    1 
HETATM 225 C C6    . 0G  B 2 3 ? 11.107  2.334   -10.111 1.00 47.34 ? 92  0G  B C6    1 
HETATM 226 O O6    . 0G  B 2 3 ? 10.112  2.295   -10.850 1.00 47.97 ? 92  0G  B O6    1 
HETATM 227 C C5    . 0G  B 2 3 ? 11.392  3.266   -9.087  1.00 43.97 ? 92  0G  B C5    1 
HETATM 228 N N1    . 0G  B 2 3 ? 12.117  1.391   -10.243 1.00 47.26 ? 92  0G  B N1    1 
HETATM 229 C C2    . 0G  B 2 3 ? 13.254  1.370   -9.450  1.00 47.46 ? 92  0G  B C2    1 
HETATM 230 N N2    . 0G  B 2 3 ? 14.125  0.403   -9.728  1.00 47.86 ? 92  0G  B N2    1 
HETATM 231 N N3    . 0G  B 2 3 ? 13.541  2.252   -8.481  1.00 45.78 ? 92  0G  B N3    1 
HETATM 232 C C4    . 0G  B 2 3 ? 12.556  3.167   -8.360  1.00 45.56 ? 92  0G  B C4    1 
HETATM 233 P P     . 0C  B 2 4 ? 11.566  2.615   -2.530  1.00 44.15 ? 93  0C  B P     1 
HETATM 234 O OP1   . 0C  B 2 4 ? 10.188  2.717   -3.034  1.00 43.96 ? 93  0C  B OP1   1 
HETATM 235 O OP2   . 0C  B 2 4 ? 11.791  2.533   -1.053  1.00 47.25 ? 93  0C  B OP2   1 
HETATM 236 O "O5'" . 0C  B 2 4 ? 12.234  1.333   -3.226  1.00 41.20 ? 93  0C  B "O5'" 1 
HETATM 237 C "C5'" . 0C  B 2 4 ? 13.563  0.881   -2.973  1.00 43.34 ? 93  0C  B "C5'" 1 
HETATM 238 C "C4'" . 0C  B 2 4 ? 13.845  -0.327  -3.853  1.00 43.37 ? 93  0C  B "C4'" 1 
HETATM 239 O "O4'" . 0C  B 2 4 ? 13.875  0.093   -5.241  1.00 45.43 ? 93  0C  B "O4'" 1 
HETATM 240 C "C3'" . 0C  B 2 4 ? 12.779  -1.443  -3.845  1.00 43.29 ? 93  0C  B "C3'" 1 
HETATM 241 O "O3'" . 0C  B 2 4 ? 12.938  -2.324  -2.709  1.00 43.36 ? 93  0C  B "O3'" 1 
HETATM 242 C "C2'" . 0C  B 2 4 ? 13.068  -2.133  -5.169  1.00 40.65 ? 93  0C  B "C2'" 1 
HETATM 243 O "O2'" . 0C  B 2 4 ? 14.236  -2.905  -5.179  1.00 38.49 ? 93  0C  B "O2'" 1 
HETATM 244 C "C1'" . 0C  B 2 4 ? 13.300  -0.928  -6.068  1.00 43.31 ? 93  0C  B "C1'" 1 
HETATM 245 N N1    . 0C  B 2 4 ? 12.048  -0.471  -6.706  1.00 43.97 ? 93  0C  B N1    1 
HETATM 246 C C2    . 0C  B 2 4 ? 11.544  -1.164  -7.825  1.00 44.32 ? 93  0C  B C2    1 
HETATM 247 O O2    . 0C  B 2 4 ? 12.153  -2.156  -8.270  1.00 42.38 ? 93  0C  B O2    1 
HETATM 248 N N3    . 0C  B 2 4 ? 10.394  -0.721  -8.396  1.00 43.60 ? 93  0C  B N3    1 
HETATM 249 C C4    . 0C  B 2 4 ? 9.753   0.334   -7.893  1.00 46.52 ? 93  0C  B C4    1 
HETATM 250 N N4    . 0C  B 2 4 ? 8.620   0.747   -8.484  1.00 48.36 ? 93  0C  B N4    1 
HETATM 251 C C5    . 0C  B 2 4 ? 10.246  1.032   -6.757  1.00 45.65 ? 93  0C  B C5    1 
HETATM 252 C C6    . 0C  B 2 4 ? 11.380  0.600   -6.200  1.00 45.34 ? 93  0C  B C6    1 
HETATM 253 P P     . 0C  B 2 5 ? 11.701  -3.038  -2.027  1.00 44.71 ? 94  0C  B P     1 
HETATM 254 O OP1   . 0C  B 2 5 ? 10.506  -2.186  -2.021  1.00 44.16 ? 94  0C  B OP1   1 
HETATM 255 O OP2   . 0C  B 2 5 ? 12.217  -3.628  -0.753  1.00 46.88 ? 94  0C  B OP2   1 
HETATM 256 O "O5'" . 0C  B 2 5 ? 11.340  -4.240  -3.026  1.00 42.60 ? 94  0C  B "O5'" 1 
HETATM 257 C "C5'" . 0C  B 2 5 ? 12.305  -5.196  -3.349  1.00 41.00 ? 94  0C  B "C5'" 1 
HETATM 258 C "C4'" . 0C  B 2 5 ? 11.797  -6.135  -4.427  1.00 38.83 ? 94  0C  B "C4'" 1 
HETATM 259 O "O4'" . 0C  B 2 5 ? 11.797  -5.480  -5.716  1.00 38.22 ? 94  0C  B "O4'" 1 
HETATM 260 C "C3'" . 0C  B 2 5 ? 10.399  -6.685  -4.274  1.00 40.63 ? 94  0C  B "C3'" 1 
HETATM 261 O "O3'" . 0C  B 2 5 ? 10.392  -7.772  -3.341  1.00 39.55 ? 94  0C  B "O3'" 1 
HETATM 262 C "C2'" . 0C  B 2 5 ? 10.111  -7.160  -5.688  1.00 39.34 ? 94  0C  B "C2'" 1 
HETATM 263 O "O2'" . 0C  B 2 5 ? 10.788  -8.374  -5.965  1.00 39.29 ? 94  0C  B "O2'" 1 
HETATM 264 C "C1'" . 0C  B 2 5 ? 10.712  -5.991  -6.469  1.00 39.83 ? 94  0C  B "C1'" 1 
HETATM 265 N N1    . 0C  B 2 5 ? 9.752   -4.954  -6.727  1.00 41.24 ? 94  0C  B N1    1 
HETATM 266 C C2    . 0C  B 2 5 ? 8.768   -5.165  -7.710  1.00 42.35 ? 94  0C  B C2    1 
HETATM 267 O O2    . 0C  B 2 5 ? 8.710   -6.218  -8.371  1.00 43.46 ? 94  0C  B O2    1 
HETATM 268 N N3    . 0C  B 2 5 ? 7.872   -4.176  -7.918  1.00 42.45 ? 94  0C  B N3    1 
HETATM 269 C C4    . 0C  B 2 5 ? 7.903   -3.048  -7.236  1.00 44.36 ? 94  0C  B C4    1 
HETATM 270 N N4    . 0C  B 2 5 ? 6.961   -2.137  -7.531  1.00 48.50 ? 94  0C  B N4    1 
HETATM 271 C C5    . 0C  B 2 5 ? 8.873   -2.817  -6.233  1.00 43.97 ? 94  0C  B C5    1 
HETATM 272 C C6    . 0C  B 2 5 ? 9.780   -3.777  -6.013  1.00 43.24 ? 94  0C  B C6    1 
HETATM 273 P P     . 0U  B 2 6 ? 9.096   -8.006  -2.467  1.00 40.82 ? 95  0U  B P     1 
HETATM 274 O OP1   . 0U  B 2 6 ? 8.562   -6.746  -1.923  1.00 36.80 ? 95  0U  B OP1   1 
HETATM 275 O OP2   . 0U  B 2 6 ? 9.510   -9.034  -1.462  1.00 38.89 ? 95  0U  B OP2   1 
HETATM 276 O "O5'" . 0U  B 2 6 ? 7.975   -8.623  -3.410  1.00 39.31 ? 95  0U  B "O5'" 1 
HETATM 277 C "C5'" . 0U  B 2 6 ? 8.201   -9.827  -4.116  1.00 39.11 ? 95  0U  B "C5'" 1 
HETATM 278 C "C4'" . 0U  B 2 6 ? 7.131   -9.987  -5.185  1.00 38.80 ? 95  0U  B "C4'" 1 
HETATM 279 O "O4'" . 0U  B 2 6 ? 7.287   -8.931  -6.183  1.00 39.46 ? 95  0U  B "O4'" 1 
HETATM 280 C "C3'" . 0U  B 2 6 ? 5.673   -9.877  -4.746  1.00 38.75 ? 95  0U  B "C3'" 1 
HETATM 281 O "O3'" . 0U  B 2 6 ? 5.181   -11.111 -4.158  1.00 38.08 ? 95  0U  B "O3'" 1 
HETATM 282 C "C2'" . 0U  B 2 6 ? 5.036   -9.606  -6.125  1.00 37.79 ? 95  0U  B "C2'" 1 
HETATM 283 O "O2'" . 0U  B 2 6 ? 4.920   -10.771 -6.920  1.00 35.28 ? 95  0U  B "O2'" 1 
HETATM 284 C "C1'" . 0U  B 2 6 ? 6.026   -8.635  -6.750  1.00 39.60 ? 95  0U  B "C1'" 1 
HETATM 285 N N1    . 0U  B 2 6 ? 5.686   -7.196  -6.439  1.00 42.76 ? 95  0U  B N1    1 
HETATM 286 C C2    . 0U  B 2 6 ? 4.715   -6.550  -7.173  1.00 44.10 ? 95  0U  B C2    1 
HETATM 287 O O2    . 0U  B 2 6 ? 4.145   -7.115  -8.070  1.00 41.05 ? 95  0U  B O2    1 
HETATM 288 N N3    . 0U  B 2 6 ? 4.451   -5.233  -6.824  1.00 44.46 ? 95  0U  B N3    1 
HETATM 289 C C4    . 0U  B 2 6 ? 5.056   -4.542  -5.795  1.00 46.89 ? 95  0U  B C4    1 
HETATM 290 O O4    . 0U  B 2 6 ? 4.760   -3.373  -5.530  1.00 46.28 ? 95  0U  B O4    1 
HETATM 291 C C5    . 0U  B 2 6 ? 6.052   -5.280  -5.065  1.00 46.17 ? 95  0U  B C5    1 
HETATM 292 C C6    . 0U  B 2 6 ? 6.322   -6.541  -5.412  1.00 45.34 ? 95  0U  B C6    1 
HETATM 293 P P     . 0G  B 2 7 ? 3.984   -11.109 -3.112  1.00 39.30 ? 96  0G  B P     1 
HETATM 294 O OP1   . 0G  B 2 7 ? 4.208   -9.946  -2.203  1.00 40.29 ? 96  0G  B OP1   1 
HETATM 295 O OP2   . 0G  B 2 7 ? 3.764   -12.470 -2.553  1.00 40.11 ? 96  0G  B OP2   1 
HETATM 296 O "O5'" . 0G  B 2 7 ? 2.662   -10.623 -3.937  1.00 41.20 ? 96  0G  B "O5'" 1 
HETATM 297 C "C5'" . 0G  B 2 7 ? 1.955   -11.606 -4.635  1.00 42.25 ? 96  0G  B "C5'" 1 
HETATM 298 C "C4'" . 0G  B 2 7 ? 0.988   -11.033 -5.646  1.00 41.33 ? 96  0G  B "C4'" 1 
HETATM 299 O "O4'" . 0G  B 2 7 ? 1.598   -9.976  -6.435  1.00 39.61 ? 96  0G  B "O4'" 1 
HETATM 300 C "C3'" . 0G  B 2 7 ? -0.277  -10.389 -5.078  1.00 40.28 ? 96  0G  B "C3'" 1 
HETATM 301 O "O3'" . 0G  B 2 7 ? -1.193  -11.334 -4.530  1.00 39.95 ? 96  0G  B "O3'" 1 
HETATM 302 C "C2'" . 0G  B 2 7 ? -0.743  -9.709  -6.354  1.00 38.93 ? 96  0G  B "C2'" 1 
HETATM 303 O "O2'" . 0G  B 2 7 ? -1.264  -10.634 -7.288  1.00 40.75 ? 96  0G  B "O2'" 1 
HETATM 304 C "C1'" . 0G  B 2 7 ? 0.559   -9.091  -6.852  1.00 38.92 ? 96  0G  B "C1'" 1 
HETATM 305 N N9    . 0G  B 2 7 ? 0.741   -7.739  -6.325  1.00 37.22 ? 96  0G  B N9    1 
HETATM 306 C C8    . 0G  B 2 7 ? 1.628   -7.259  -5.388  1.00 38.57 ? 96  0G  B C8    1 
HETATM 307 N N7    . 0G  B 2 7 ? 1.484   -5.970  -5.138  1.00 38.66 ? 96  0G  B N7    1 
HETATM 308 C C6    . 0G  B 2 7 ? -0.191  -4.310  -6.112  1.00 41.27 ? 96  0G  B C6    1 
HETATM 309 O O6    . 0G  B 2 7 ? 0.100   -3.234  -5.545  1.00 40.57 ? 96  0G  B O6    1 
HETATM 310 C C5    . 0G  B 2 7 ? 0.423   -5.579  -5.941  1.00 37.88 ? 96  0G  B C5    1 
HETATM 311 N N1    . 0G  B 2 7 ? -1.232  -4.337  -7.049  1.00 39.49 ? 96  0G  B N1    1 
HETATM 312 C C2    . 0G  B 2 7 ? -1.636  -5.477  -7.723  1.00 40.85 ? 96  0G  B C2    1 
HETATM 313 N N2    . 0G  B 2 7 ? -2.658  -5.318  -8.588  1.00 40.68 ? 96  0G  B N2    1 
HETATM 314 N N3    . 0G  B 2 7 ? -1.071  -6.677  -7.583  1.00 40.27 ? 96  0G  B N3    1 
HETATM 315 C C4    . 0G  B 2 7 ? -0.037  -6.655  -6.681  1.00 38.28 ? 96  0G  B C4    1 
HETATM 316 P P     . 0G  B 2 8 ? -2.347  -10.885 -3.472  1.00 44.24 ? 97  0G  B P     1 
HETATM 317 O OP1   . 0G  B 2 8 ? -1.725  -10.000 -2.455  1.00 43.13 ? 97  0G  B OP1   1 
HETATM 318 O OP2   . 0G  B 2 8 ? -3.080  -12.093 -3.093  1.00 41.89 ? 97  0G  B OP2   1 
HETATM 319 O "O5'" . 0G  B 2 8 ? -3.289  -9.908  -4.312  1.00 42.98 ? 97  0G  B "O5'" 1 
HETATM 320 C "C5'" . 0G  B 2 8 ? -4.126  -10.447 -5.329  1.00 42.08 ? 97  0G  B "C5'" 1 
HETATM 321 C "C4'" . 0G  B 2 8 ? -4.968  -9.364  -5.957  1.00 42.12 ? 97  0G  B "C4'" 1 
HETATM 322 O "O4'" . 0G  B 2 8 ? -4.209  -8.263  -6.508  1.00 41.36 ? 97  0G  B "O4'" 1 
HETATM 323 C "C3'" . 0G  B 2 8 ? -5.915  -8.714  -4.969  1.00 43.75 ? 97  0G  B "C3'" 1 
HETATM 324 O "O3'" . 0G  B 2 8 ? -7.057  -9.546  -4.777  1.00 45.41 ? 97  0G  B "O3'" 1 
HETATM 325 C "C2'" . 0G  B 2 8 ? -6.233  -7.415  -5.682  1.00 42.53 ? 97  0G  B "C2'" 1 
HETATM 326 O "O2'" . 0G  B 2 8 ? -7.136  -7.633  -6.739  1.00 44.95 ? 97  0G  B "O2'" 1 
HETATM 327 C "C1'" . 0G  B 2 8 ? -4.877  -7.017  -6.241  1.00 42.09 ? 97  0G  B "C1'" 1 
HETATM 328 N N9    . 0G  B 2 8 ? -4.075  -6.135  -5.367  1.00 39.77 ? 97  0G  B N9    1 
HETATM 329 C C8    . 0G  B 2 8 ? -3.043  -6.505  -4.527  1.00 40.02 ? 97  0G  B C8    1 
HETATM 330 N N7    . 0G  B 2 8 ? -2.487  -5.505  -3.874  1.00 39.33 ? 97  0G  B N7    1 
HETATM 331 C C6    . 0G  B 2 8 ? -3.089  -3.026  -3.931  1.00 42.32 ? 97  0G  B C6    1 
HETATM 332 O O6    . 0G  B 2 8 ? -2.281  -2.501  -3.143  1.00 43.97 ? 97  0G  B O6    1 
HETATM 333 C C5    . 0G  B 2 8 ? -3.212  -4.390  -4.291  1.00 40.05 ? 97  0G  B C5    1 
HETATM 334 N N1    . 0G  B 2 8 ? -4.023  -2.210  -4.590  1.00 43.19 ? 97  0G  B N1    1 
HETATM 335 C C2    . 0G  B 2 8 ? -4.960  -2.687  -5.500  1.00 43.82 ? 97  0G  B C2    1 
HETATM 336 N N2    . 0G  B 2 8 ? -5.785  -1.770  -6.055  1.00 45.46 ? 97  0G  B N2    1 
HETATM 337 N N3    . 0G  B 2 8 ? -5.089  -3.959  -5.842  1.00 40.44 ? 97  0G  B N3    1 
HETATM 338 C C4    . 0G  B 2 8 ? -4.189  -4.763  -5.212  1.00 41.67 ? 97  0G  B C4    1 
HETATM 339 O "O5'" . 0C  C 1 1 ? -8.793  -13.042 11.649  1.00 37.11 ? 79  0C  C "O5'" 1 
HETATM 340 C "C5'" . 0C  C 1 1 ? -7.932  -14.118 11.849  1.00 38.48 ? 79  0C  C "C5'" 1 
HETATM 341 C "C4'" . 0C  C 1 1 ? -7.080  -13.850 13.062  1.00 36.95 ? 79  0C  C "C4'" 1 
HETATM 342 O "O4'" . 0C  C 1 1 ? -7.941  -13.672 14.229  1.00 35.74 ? 79  0C  C "O4'" 1 
HETATM 343 C "C3'" . 0C  C 1 1 ? -6.286  -12.558 13.021  1.00 37.74 ? 79  0C  C "C3'" 1 
HETATM 344 O "O3'" . 0C  C 1 1 ? -5.069  -12.654 12.276  1.00 36.94 ? 79  0C  C "O3'" 1 
HETATM 345 C "C2'" . 0C  C 1 1 ? -6.015  -12.402 14.506  1.00 35.85 ? 79  0C  C "C2'" 1 
HETATM 346 O "O2'" . 0C  C 1 1 ? -5.007  -13.264 14.956  1.00 37.76 ? 79  0C  C "O2'" 1 
HETATM 347 C "C1'" . 0C  C 1 1 ? -7.345  -12.765 15.150  1.00 34.62 ? 79  0C  C "C1'" 1 
HETATM 348 N N1    . 0C  C 1 1 ? -8.260  -11.572 15.341  1.00 34.28 ? 79  0C  C N1    1 
HETATM 349 C C2    . 0C  C 1 1 ? -7.978  -10.660 16.367  1.00 34.96 ? 79  0C  C C2    1 
HETATM 350 O O2    . 0C  C 1 1 ? -6.985  -10.853 17.104  1.00 33.56 ? 79  0C  C O2    1 
HETATM 351 N N3    . 0C  C 1 1 ? -8.802  -9.589  16.510  1.00 30.28 ? 79  0C  C N3    1 
HETATM 352 C C4    . 0C  C 1 1 ? -9.865  -9.364  15.734  1.00 32.65 ? 79  0C  C C4    1 
HETATM 353 N N4    . 0C  C 1 1 ? -10.609 -8.251  15.959  1.00 31.68 ? 79  0C  C N4    1 
HETATM 354 C C5    . 0C  C 1 1 ? -10.159 -10.275 14.678  1.00 34.81 ? 79  0C  C C5    1 
HETATM 355 C C6    . 0C  C 1 1 ? -9.343  -11.351 14.514  1.00 34.01 ? 79  0C  C C6    1 
HETATM 356 P P     . 0U  C 1 2 ? -4.494  -11.363 11.488  1.00 39.21 ? 80  0U  C P     1 
HETATM 357 O OP1   . 0U  C 1 2 ? -5.589  -10.710 10.781  1.00 33.98 ? 80  0U  C OP1   1 
HETATM 358 O OP2   . 0U  C 1 2 ? -3.225  -11.825 10.827  1.00 37.57 ? 80  0U  C OP2   1 
HETATM 359 O "O5'" . 0U  C 1 2 ? -4.061  -10.372 12.659  1.00 36.17 ? 80  0U  C "O5'" 1 
HETATM 360 C "C5'" . 0U  C 1 2 ? -2.995  -10.711 13.482  1.00 36.56 ? 80  0U  C "C5'" 1 
HETATM 361 C "C4'" . 0U  C 1 2 ? -2.860  -9.762  14.644  1.00 37.83 ? 80  0U  C "C4'" 1 
HETATM 362 O "O4'" . 0U  C 1 2 ? -4.065  -9.735  15.439  1.00 37.30 ? 80  0U  C "O4'" 1 
HETATM 363 C "C3'" . 0U  C 1 2 ? -2.614  -8.320  14.242  1.00 39.19 ? 80  0U  C "C3'" 1 
HETATM 364 O "O3'" . 0U  C 1 2 ? -1.241  -8.111  13.895  1.00 39.89 ? 80  0U  C "O3'" 1 
HETATM 365 C "C2'" . 0U  C 1 2 ? -3.051  -7.564  15.486  1.00 37.99 ? 80  0U  C "C2'" 1 
HETATM 366 O "O2'" . 0U  C 1 2 ? -2.121  -7.553  16.572  1.00 40.67 ? 80  0U  C "O2'" 1 
HETATM 367 C "C1'" . 0U  C 1 2 ? -4.297  -8.394  15.870  1.00 37.74 ? 80  0U  C "C1'" 1 
HETATM 368 N N1    . 0U  C 1 2 ? -5.568  -7.842  15.307  1.00 35.18 ? 80  0U  C N1    1 
HETATM 369 C C2    . 0U  C 1 2 ? -6.137  -6.754  15.971  1.00 36.92 ? 80  0U  C C2    1 
HETATM 370 O O2    . 0U  C 1 2 ? -5.634  -6.247  16.987  1.00 33.48 ? 80  0U  C O2    1 
HETATM 371 N N3    . 0U  C 1 2 ? -7.303  -6.313  15.404  1.00 34.29 ? 80  0U  C N3    1 
HETATM 372 C C4    . 0U  C 1 2 ? -7.939  -6.788  14.259  1.00 34.86 ? 80  0U  C C4    1 
HETATM 373 O O4    . 0U  C 1 2 ? -8.986  -6.289  13.858  1.00 35.45 ? 80  0U  C O4    1 
HETATM 374 C C5    . 0U  C 1 2 ? -7.286  -7.910  13.642  1.00 33.93 ? 80  0U  C C5    1 
HETATM 375 C C6    . 0U  C 1 2 ? -6.153  -8.380  14.179  1.00 31.54 ? 80  0U  C C6    1 
HETATM 376 P P     . 0G  C 1 3 ? -0.874  -6.797  13.056  1.00 40.60 ? 81  0G  C P     1 
HETATM 377 O OP1   . 0G  C 1 3 ? -1.976  -6.296  12.178  1.00 34.54 ? 81  0G  C OP1   1 
HETATM 378 O OP2   . 0G  C 1 3 ? 0.484   -7.112  12.546  1.00 42.19 ? 81  0G  C OP2   1 
HETATM 379 O "O5'" . 0G  C 1 3 ? -0.770  -5.645  14.179  1.00 34.87 ? 81  0G  C "O5'" 1 
HETATM 380 C "C5'" . 0G  C 1 3 ? 0.196   -5.690  15.206  1.00 34.79 ? 81  0G  C "C5'" 1 
HETATM 381 C "C4'" . 0G  C 1 3 ? 0.260   -4.378  15.991  1.00 35.77 ? 81  0G  C "C4'" 1 
HETATM 382 O "O4'" . 0G  C 1 3 ? -0.894  -4.265  16.853  1.00 34.36 ? 81  0G  C "O4'" 1 
HETATM 383 C "C3'" . 0G  C 1 3 ? 0.265   -3.068  15.206  1.00 35.82 ? 81  0G  C "C3'" 1 
HETATM 384 O "O3'" . 0G  C 1 3 ? 1.565   -2.761  14.663  1.00 37.88 ? 81  0G  C "O3'" 1 
HETATM 385 C "C2'" . 0G  C 1 3 ? -0.180  -2.115  16.311  1.00 35.33 ? 81  0G  C "C2'" 1 
HETATM 386 O "O2'" . 0G  C 1 3 ? 0.859   -1.872  17.274  1.00 34.10 ? 81  0G  C "O2'" 1 
HETATM 387 C "C1'" . 0G  C 1 3 ? -1.315  -2.927  16.962  1.00 34.34 ? 81  0G  C "C1'" 1 
HETATM 388 N N9    . 0G  C 1 3 ? -2.615  -2.728  16.316  1.00 36.27 ? 81  0G  C N9    1 
HETATM 389 C C8    . 0G  C 1 3 ? -3.305  -3.570  15.467  1.00 35.89 ? 81  0G  C C8    1 
HETATM 390 N N7    . 0G  C 1 3 ? -4.452  -3.070  15.051  1.00 34.39 ? 81  0G  C N7    1 
HETATM 391 C C6    . 0G  C 1 3 ? -5.479  -0.814  15.566  1.00 37.12 ? 81  0G  C C6    1 
HETATM 392 O O6    . 0G  C 1 3 ? -6.532  -0.839  14.925  1.00 37.93 ? 81  0G  C O6    1 
HETATM 393 C C5    . 0G  C 1 3 ? -4.496  -1.811  15.638  1.00 36.10 ? 81  0G  C C5    1 
HETATM 394 N N1    . 0G  C 1 3 ? -5.166  0.318   16.310  1.00 36.12 ? 81  0G  C N1    1 
HETATM 395 C C2    . 0G  C 1 3 ? -4.035  0.451   17.062  1.00 36.42 ? 81  0G  C C2    1 
HETATM 396 N N2    . 0G  C 1 3 ? -3.920  1.626   17.689  1.00 35.79 ? 81  0G  C N2    1 
HETATM 397 N N3    . 0G  C 1 3 ? -3.093  -0.477  17.143  1.00 36.76 ? 81  0G  C N3    1 
HETATM 398 C C4    . 0G  C 1 3 ? -3.390  -1.583  16.421  1.00 34.24 ? 81  0G  C C4    1 
HETATM 399 P P     . 0G  C 1 4 ? 1.734   -1.970  13.256  1.00 39.03 ? 82  0G  C P     1 
HETATM 400 O OP1   . 0G  C 1 4 ? 0.872   -2.560  12.220  1.00 39.20 ? 82  0G  C OP1   1 
HETATM 401 O OP2   . 0G  C 1 4 ? 3.196   -1.931  13.035  1.00 41.43 ? 82  0G  C OP2   1 
HETATM 402 O "O5'" . 0G  C 1 4 ? 1.082   -0.528  13.478  1.00 37.72 ? 82  0G  C "O5'" 1 
HETATM 403 C "C5'" . 0G  C 1 4 ? 1.727   0.371   14.371  1.00 37.98 ? 82  0G  C "C5'" 1 
HETATM 404 C "C4'" . 0G  C 1 4 ? 0.857   1.556   14.713  1.00 37.43 ? 82  0G  C "C4'" 1 
HETATM 405 O "O4'" . 0G  C 1 4 ? -0.381  1.145   15.371  1.00 36.16 ? 82  0G  C "O4'" 1 
HETATM 406 C "C3'" . 0G  C 1 4 ? 0.414   2.414   13.521  1.00 34.70 ? 82  0G  C "C3'" 1 
HETATM 407 O "O3'" . 0G  C 1 4 ? 1.473   3.230   13.005  1.00 33.24 ? 82  0G  C "O3'" 1 
HETATM 408 C "C2'" . 0G  C 1 4 ? -0.676  3.241   14.193  1.00 34.75 ? 82  0G  C "C2'" 1 
HETATM 409 O "O2'" . 0G  C 1 4 ? -0.097  4.253   15.050  1.00 34.27 ? 82  0G  C "O2'" 1 
HETATM 410 C "C1'" . 0G  C 1 4 ? -1.369  2.111   14.981  1.00 36.48 ? 82  0G  C "C1'" 1 
HETATM 411 N N9    . 0G  C 1 4 ? -2.395  1.479   14.132  1.00 36.52 ? 82  0G  C N9    1 
HETATM 412 C C8    . 0G  C 1 4 ? -2.313  0.276   13.471  1.00 35.73 ? 82  0G  C C8    1 
HETATM 413 N N7    . 0G  C 1 4 ? -3.406  0.010   12.774  1.00 38.16 ? 82  0G  C N7    1 
HETATM 414 C C6    . 0G  C 1 4 ? -5.543  1.378   12.460  1.00 39.79 ? 82  0G  C C6    1 
HETATM 415 O O6    . 0G  C 1 4 ? -6.220  0.646   11.706  1.00 38.87 ? 82  0G  C O6    1 
HETATM 416 C C5    . 0G  C 1 4 ? -4.242  1.112   12.973  1.00 36.10 ? 82  0G  C C5    1 
HETATM 417 N N1    . 0G  C 1 4 ? -6.077  2.596   12.886  1.00 38.28 ? 82  0G  C N1    1 
HETATM 418 C C2    . 0G  C 1 4 ? -5.386  3.469   13.708  1.00 39.63 ? 82  0G  C C2    1 
HETATM 419 N N2    . 0G  C 1 4 ? -6.055  4.610   14.004  1.00 39.70 ? 82  0G  C N2    1 
HETATM 420 N N3    . 0G  C 1 4 ? -4.148  3.225   14.207  1.00 36.70 ? 82  0G  C N3    1 
HETATM 421 C C4    . 0G  C 1 4 ? -3.639  2.026   13.809  1.00 35.98 ? 82  0G  C C4    1 
HETATM 422 P P     . 0G  C 1 5 ? 1.633   3.548   11.435  1.00 34.51 ? 83  0G  C P     1 
HETATM 423 O OP1   . 0G  C 1 5 ? 1.456   2.301   10.662  1.00 35.05 ? 83  0G  C OP1   1 
HETATM 424 O OP2   . 0G  C 1 5 ? 2.914   4.309   11.396  1.00 32.96 ? 83  0G  C OP2   1 
HETATM 425 O "O5'" . 0G  C 1 5 ? 0.362   4.489   11.145  1.00 30.26 ? 83  0G  C "O5'" 1 
HETATM 426 C "C5'" . 0G  C 1 5 ? 0.429   5.835   11.656  1.00 31.77 ? 83  0G  C "C5'" 1 
HETATM 427 C "C4'" . 0G  C 1 5 ? -0.901  6.573   11.567  1.00 32.63 ? 83  0G  C "C4'" 1 
HETATM 428 O "O4'" . 0G  C 1 5 ? -1.992  5.904   12.273  1.00 32.17 ? 83  0G  C "O4'" 1 
HETATM 429 C "C3'" . 0G  C 1 5 ? -1.424  6.752   10.134  1.00 33.29 ? 83  0G  C "C3'" 1 
HETATM 430 O "O3'" . 0G  C 1 5 ? -0.723  7.786   9.509   1.00 35.90 ? 83  0G  C "O3'" 1 
HETATM 431 C "C2'" . 0G  C 1 5 ? -2.879  7.118   10.424  1.00 34.49 ? 83  0G  C "C2'" 1 
HETATM 432 O "O2'" . 0G  C 1 5 ? -3.013  8.435   10.936  1.00 36.34 ? 83  0G  C "O2'" 1 
HETATM 433 C "C1'" . 0G  C 1 5 ? -3.168  6.065   11.492  1.00 34.38 ? 83  0G  C "C1'" 1 
HETATM 434 N N9    . 0G  C 1 5 ? -3.581  4.819   10.860  1.00 34.23 ? 83  0G  C N9    1 
HETATM 435 C C8    . 0G  C 1 5 ? -2.880  3.641   10.696  1.00 35.22 ? 83  0G  C C8    1 
HETATM 436 N N7    . 0G  C 1 5 ? -3.585  2.719   10.045  1.00 35.38 ? 83  0G  C N7    1 
HETATM 437 C C6    . 0G  C 1 5 ? -5.951  2.871   9.093   1.00 40.58 ? 83  0G  C C6    1 
HETATM 438 O O6    . 0G  C 1 5 ? -6.092  1.751   8.597   1.00 41.41 ? 83  0G  C O6    1 
HETATM 439 C C5    . 0G  C 1 5 ? -4.805  3.350   9.773   1.00 38.60 ? 83  0G  C C5    1 
HETATM 440 N N1    . 0G  C 1 5 ? -6.987  3.808   9.000   1.00 40.30 ? 83  0G  C N1    1 
HETATM 441 C C2    . 0G  C 1 5 ? -6.890  5.088   9.545   1.00 42.03 ? 83  0G  C C2    1 
HETATM 442 N N2    . 0G  C 1 5 ? -7.953  5.888   9.389   1.00 39.73 ? 83  0G  C N2    1 
HETATM 443 N N3    . 0G  C 1 5 ? -5.813  5.557   10.180  1.00 37.64 ? 83  0G  C N3    1 
HETATM 444 C C4    . 0G  C 1 5 ? -4.816  4.640   10.260  1.00 36.74 ? 83  0G  C C4    1 
HETATM 445 P P     . 0C  C 1 6 ? -0.579  7.916   7.905   1.00 38.98 ? 84  0C  C P     1 
HETATM 446 O OP1   . 0C  C 1 6 ? -0.342  6.564   7.374   1.00 36.82 ? 84  0C  C OP1   1 
HETATM 447 O OP2   . 0C  C 1 6 ? 0.378   8.986   7.686   1.00 38.72 ? 84  0C  C OP2   1 
HETATM 448 O "O5'" . 0C  C 1 6 ? -2.049  8.313   7.424   1.00 39.33 ? 84  0C  C "O5'" 1 
HETATM 449 C "C5'" . 0C  C 1 6 ? -2.657  9.538   7.777   1.00 41.76 ? 84  0C  C "C5'" 1 
HETATM 450 C "C4'" . 0C  C 1 6 ? -4.076  9.581   7.249   1.00 42.50 ? 84  0C  C "C4'" 1 
HETATM 451 O "O4'" . 0C  C 1 6 ? -4.905  8.589   7.892   1.00 42.42 ? 84  0C  C "O4'" 1 
HETATM 452 C "C3'" . 0C  C 1 6 ? -4.269  9.284   5.759   1.00 45.30 ? 84  0C  C "C3'" 1 
HETATM 453 O "O3'" . 0C  C 1 6 ? -3.899  10.375  4.970   1.00 48.26 ? 84  0C  C "O3'" 1 
HETATM 454 C "C2'" . 0C  C 1 6 ? -5.769  9.063   5.725   1.00 44.99 ? 84  0C  C "C2'" 1 
HETATM 455 O "O2'" . 0C  C 1 6 ? -6.480  10.281  5.878   1.00 47.35 ? 84  0C  C "O2'" 1 
HETATM 456 C "C1'" . 0C  C 1 6 ? -5.897  8.174   6.953   1.00 44.21 ? 84  0C  C "C1'" 1 
HETATM 457 N N1    . 0C  C 1 6 ? -5.707  6.727   6.641   1.00 42.68 ? 84  0C  C N1    1 
HETATM 458 C C2    . 0C  C 1 6 ? -6.772  5.990   6.088   1.00 43.42 ? 84  0C  C C2    1 
HETATM 459 O O2    . 0C  C 1 6 ? -7.852  6.555   5.851   1.00 45.80 ? 84  0C  C O2    1 
HETATM 460 N N3    . 0C  C 1 6 ? -6.589  4.669   5.836   1.00 44.12 ? 84  0C  C N3    1 
HETATM 461 C C4    . 0C  C 1 6 ? -5.406  4.099   6.095   1.00 42.30 ? 84  0C  C C4    1 
HETATM 462 N N4    . 0C  C 1 6 ? -5.260  2.792   5.837   1.00 45.05 ? 84  0C  C N4    1 
HETATM 463 C C5    . 0C  C 1 6 ? -4.324  4.835   6.649   1.00 43.04 ? 84  0C  C C5    1 
HETATM 464 C C6    . 0C  C 1 6 ? -4.513  6.128   6.899   1.00 43.69 ? 84  0C  C C6    1 
HETATM 465 P P     . 0G  C 1 7 ? -3.400  10.237  3.461   1.00 50.54 ? 85  0G  C P     1 
HETATM 466 O OP1   . 0G  C 1 7 ? -2.482  9.070   3.353   1.00 48.57 ? 85  0G  C OP1   1 
HETATM 467 O OP2   . 0G  C 1 7 ? -2.915  11.605  3.171   1.00 49.01 ? 85  0G  C OP2   1 
HETATM 468 O "O5'" . 0G  C 1 7 ? -4.724  9.831   2.666   1.00 49.44 ? 85  0G  C "O5'" 1 
HETATM 469 C "C5'" . 0G  C 1 7 ? -5.755  10.761  2.570   1.00 49.55 ? 85  0G  C "C5'" 1 
HETATM 470 C "C4'" . 0G  C 1 7 ? -7.006  10.121  2.028   1.00 49.48 ? 85  0G  C "C4'" 1 
HETATM 471 O "O4'" . 0G  C 1 7 ? -7.493  9.093   2.924   1.00 47.30 ? 85  0G  C "O4'" 1 
HETATM 472 C "C3'" . 0G  C 1 7 ? -6.908  9.431   0.667   1.00 50.47 ? 85  0G  C "C3'" 1 
HETATM 473 O "O3'" . 0G  C 1 7 ? -6.894  10.355  -0.424  1.00 52.42 ? 85  0G  C "O3'" 1 
HETATM 474 C "C2'" . 0G  C 1 7 ? -8.174  8.588   0.711   1.00 47.85 ? 85  0G  C "C2'" 1 
HETATM 475 O "O2'" . 0G  C 1 7 ? -9.355  9.330   0.499   1.00 49.64 ? 85  0G  C "O2'" 1 
HETATM 476 C "C1'" . 0G  C 1 7 ? -8.100  8.056   2.148   1.00 47.37 ? 85  0G  C "C1'" 1 
HETATM 477 N N9    . 0G  C 1 7 ? -7.304  6.822   2.222   1.00 44.71 ? 85  0G  C N9    1 
HETATM 478 C C8    . 0G  C 1 7 ? -6.005  6.702   2.659   1.00 44.66 ? 85  0G  C C8    1 
HETATM 479 N N7    . 0G  C 1 7 ? -5.521  5.490   2.618   1.00 44.10 ? 85  0G  C N7    1 
HETATM 480 C C6    . 0G  C 1 7 ? -6.627  3.367   1.821   1.00 46.31 ? 85  0G  C C6    1 
HETATM 481 O O6    . 0G  C 1 7 ? -5.733  2.534   1.988   1.00 46.63 ? 85  0G  C O6    1 
HETATM 482 C C5    . 0G  C 1 7 ? -6.564  4.744   2.095   1.00 45.29 ? 85  0G  C C5    1 
HETATM 483 N N1    . 0G  C 1 7 ? -7.857  2.978   1.300   1.00 47.00 ? 85  0G  C N1    1 
HETATM 484 C C2    . 0G  C 1 7 ? -8.906  3.839   1.073   1.00 46.87 ? 85  0G  C C2    1 
HETATM 485 N N2    . 0G  C 1 7 ? -10.016 3.291   0.554   1.00 46.67 ? 85  0G  C N2    1 
HETATM 486 N N3    . 0G  C 1 7 ? -8.863  5.146   1.326   1.00 48.19 ? 85  0G  C N3    1 
HETATM 487 C C4    . 0G  C 1 7 ? -7.675  5.537   1.850   1.00 46.50 ? 85  0G  C C4    1 
HETATM 488 P P     . 0G  C 1 8 ? -6.189  10.004  -1.839  1.00 55.57 ? 86  0G  C P     1 
HETATM 489 O OP1   . 0G  C 1 8 ? -4.842  9.430   -1.624  1.00 52.08 ? 86  0G  C OP1   1 
HETATM 490 O OP2   . 0G  C 1 8 ? -6.370  11.218  -2.675  1.00 54.29 ? 86  0G  C OP2   1 
HETATM 491 O "O5'" . 0G  C 1 8 ? -7.073  8.811   -2.410  1.00 53.06 ? 86  0G  C "O5'" 1 
HETATM 492 C "C5'" . 0G  C 1 8 ? -8.389  9.039   -2.806  1.00 52.91 ? 86  0G  C "C5'" 1 
HETATM 493 C "C4'" . 0G  C 1 8 ? -8.934  7.721   -3.293  1.00 52.80 ? 86  0G  C "C4'" 1 
HETATM 494 O "O4'" . 0G  C 1 8 ? -8.883  6.763   -2.210  1.00 51.73 ? 86  0G  C "O4'" 1 
HETATM 495 C "C3'" . 0G  C 1 8 ? -8.127  7.069   -4.413  1.00 52.76 ? 86  0G  C "C3'" 1 
HETATM 496 O "O3'" . 0G  C 1 8 ? -8.438  7.667   -5.673  1.00 55.65 ? 86  0G  C "O3'" 1 
HETATM 497 C "C2'" . 0G  C 1 8 ? -8.596  5.628   -4.290  1.00 50.66 ? 86  0G  C "C2'" 1 
HETATM 498 O "O2'" . 0G  C 1 8 ? -9.856  5.409   -4.887  1.00 51.01 ? 86  0G  C "O2'" 1 
HETATM 499 C "C1'" . 0G  C 1 8 ? -8.688  5.461   -2.764  1.00 50.78 ? 86  0G  C "C1'" 1 
HETATM 500 N N9    . 0G  C 1 8 ? -7.488  4.841   -2.210  1.00 47.90 ? 86  0G  C N9    1 
HETATM 501 C C8    . 0G  C 1 8 ? -6.396  5.456   -1.649  1.00 48.64 ? 86  0G  C C8    1 
HETATM 502 N N7    . 0G  C 1 8 ? -5.477  4.605   -1.257  1.00 48.41 ? 86  0G  C N7    1 
HETATM 503 C C6    . 0G  C 1 8 ? -5.454  2.066   -1.412  1.00 46.89 ? 86  0G  C C6    1 
HETATM 504 O O6    . 0G  C 1 8 ? -4.358  1.761   -0.896  1.00 45.93 ? 86  0G  C O6    1 
HETATM 505 C C5    . 0G  C 1 8 ? -5.992  3.362   -1.598  1.00 46.22 ? 86  0G  C C5    1 
HETATM 506 N N1    . 0G  C 1 8 ? -6.294  1.069   -1.905  1.00 47.02 ? 86  0G  C N1    1 
HETATM 507 C C2    . 0G  C 1 8 ? -7.517  1.297   -2.485  1.00 45.73 ? 86  0G  C C2    1 
HETATM 508 N N2    . 0G  C 1 8 ? -8.204  0.219   -2.897  1.00 46.08 ? 86  0G  C N2    1 
HETATM 509 N N3    . 0G  C 1 8 ? -8.036  2.505   -2.646  1.00 48.48 ? 86  0G  C N3    1 
HETATM 510 C C4    . 0G  C 1 8 ? -7.219  3.491   -2.189  1.00 47.65 ? 86  0G  C C4    1 
HETATM 511 O "O5'" . 0C  D 2 1 ? -4.798  -7.792  -0.106  1.00 46.63 ? 90  0C  D "O5'" 1 
HETATM 512 C "C5'" . 0C  D 2 1 ? -5.756  -8.353  -0.965  1.00 47.78 ? 90  0C  D "C5'" 1 
HETATM 513 C "C4'" . 0C  D 2 1 ? -6.576  -7.322  -1.716  1.00 48.48 ? 90  0C  D "C4'" 1 
HETATM 514 O "O4'" . 0C  D 2 1 ? -5.722  -6.319  -2.313  1.00 48.11 ? 90  0C  D "O4'" 1 
HETATM 515 C "C3'" . 0C  D 2 1 ? -7.600  -6.491  -0.956  1.00 48.63 ? 90  0C  D "C3'" 1 
HETATM 516 O "O3'" . 0C  D 2 1 ? -8.796  -7.206  -0.646  1.00 51.31 ? 90  0C  D "O3'" 1 
HETATM 517 C "C2'" . 0C  D 2 1 ? -7.869  -5.409  -1.991  1.00 47.49 ? 90  0C  D "C2'" 1 
HETATM 518 O "O2'" . 0C  D 2 1 ? -8.712  -5.835  -3.047  1.00 47.47 ? 90  0C  D "O2'" 1 
HETATM 519 C "C1'" . 0C  D 2 1 ? -6.461  -5.123  -2.497  1.00 46.97 ? 90  0C  D "C1'" 1 
HETATM 520 N N1    . 0C  D 2 1 ? -5.715  -4.017  -1.836  1.00 43.49 ? 90  0C  D N1    1 
HETATM 521 C C2    . 0C  D 2 1 ? -6.027  -2.695  -2.138  1.00 43.82 ? 90  0C  D C2    1 
HETATM 522 O O2    . 0C  D 2 1 ? -6.950  -2.414  -2.930  1.00 44.78 ? 90  0C  D O2    1 
HETATM 523 N N3    . 0C  D 2 1 ? -5.317  -1.730  -1.529  1.00 41.88 ? 90  0C  D N3    1 
HETATM 524 C C4    . 0C  D 2 1 ? -4.336  -1.993  -0.687  1.00 42.44 ? 90  0C  D C4    1 
HETATM 525 N N4    . 0C  D 2 1 ? -3.683  -0.956  -0.164  1.00 42.14 ? 90  0C  D N4    1 
HETATM 526 C C5    . 0C  D 2 1 ? -3.989  -3.332  -0.374  1.00 43.44 ? 90  0C  D C5    1 
HETATM 527 C C6    . 0C  D 2 1 ? -4.690  -4.302  -0.966  1.00 44.30 ? 90  0C  D C6    1 
HETATM 528 P P     . 0C  D 2 2 ? -9.696  -6.883  0.641   1.00 51.02 ? 91  0C  D P     1 
HETATM 529 O OP1   . 0C  D 2 2 ? -8.802  -6.744  1.798   1.00 51.79 ? 91  0C  D OP1   1 
HETATM 530 O OP2   . 0C  D 2 2 ? -10.833 -7.838  0.690   1.00 51.22 ? 91  0C  D OP2   1 
HETATM 531 O "O5'" . 0C  D 2 2 ? -10.310 -5.461  0.269   1.00 50.42 ? 91  0C  D "O5'" 1 
HETATM 532 C "C5'" . 0C  D 2 2 ? -11.400 -5.430  -0.612  1.00 51.82 ? 91  0C  D "C5'" 1 
HETATM 533 C "C4'" . 0C  D 2 2 ? -11.855 -4.018  -0.856  1.00 52.89 ? 91  0C  D "C4'" 1 
HETATM 534 O "O4'" . 0C  D 2 2 ? -10.776 -3.276  -1.466  1.00 52.97 ? 91  0C  D "O4'" 1 
HETATM 535 C "C3'" . 0C  D 2 2 ? -12.216 -3.194  0.373   1.00 53.38 ? 91  0C  D "C3'" 1 
HETATM 536 O "O3'" . 0C  D 2 2 ? -13.530 -3.495  0.858   1.00 56.13 ? 91  0C  D "O3'" 1 
HETATM 537 C "C2'" . 0C  D 2 2 ? -12.118 -1.803  -0.211  1.00 52.41 ? 91  0C  D "C2'" 1 
HETATM 538 O "O2'" . 0C  D 2 2 ? -13.191 -1.497  -1.074  1.00 52.01 ? 91  0C  D "O2'" 1 
HETATM 539 C "C1'" . 0C  D 2 2 ? -10.821 -1.950  -0.995  1.00 52.08 ? 91  0C  D "C1'" 1 
HETATM 540 N N1    . 0C  D 2 2 ? -9.590  -1.640  -0.203  1.00 51.06 ? 91  0C  D N1    1 
HETATM 541 C C2    . 0C  D 2 2 ? -9.280  -0.292  0.025   1.00 51.37 ? 91  0C  D C2    1 
HETATM 542 O O2    . 0C  D 2 2 ? -10.013 0.615   -0.423  1.00 49.67 ? 91  0C  D O2    1 
HETATM 543 N N3    . 0C  D 2 2 ? -8.153  -0.006  0.734   1.00 52.10 ? 91  0C  D N3    1 
HETATM 544 C C4    . 0C  D 2 2 ? -7.387  -0.973  1.220   1.00 51.56 ? 91  0C  D C4    1 
HETATM 545 N N4    . 0C  D 2 2 ? -6.318  -0.586  1.895   1.00 50.38 ? 91  0C  D N4    1 
HETATM 546 C C5    . 0C  D 2 2 ? -7.681  -2.356  1.008   1.00 51.40 ? 91  0C  D C5    1 
HETATM 547 C C6    . 0C  D 2 2 ? -8.796  -2.634  0.308   1.00 51.26 ? 91  0C  D C6    1 
HETATM 548 P P     . 0G  D 2 3 ? -13.863 -3.333  2.425   1.00 57.00 ? 92  0G  D P     1 
HETATM 549 O OP1   . 0G  D 2 3 ? -12.679 -3.747  3.228   1.00 55.43 ? 92  0G  D OP1   1 
HETATM 550 O OP2   . 0G  D 2 3 ? -15.176 -3.991  2.641   1.00 58.87 ? 92  0G  D OP2   1 
HETATM 551 O "O5'" . 0G  D 2 3 ? -13.997 -1.751  2.629   1.00 54.04 ? 92  0G  D "O5'" 1 
HETATM 552 C "C5'" . 0G  D 2 3 ? -15.052 -1.058  2.030   1.00 54.31 ? 92  0G  D "C5'" 1 
HETATM 553 C "C4'" . 0G  D 2 3 ? -14.874 0.426   2.258   1.00 54.41 ? 92  0G  D "C4'" 1 
HETATM 554 O "O4'" . 0G  D 2 3 ? -13.648 0.851   1.632   1.00 52.57 ? 92  0G  D "O4'" 1 
HETATM 555 C "C3'" . 0G  D 2 3 ? -14.698 0.868   3.705   1.00 53.79 ? 92  0G  D "C3'" 1 
HETATM 556 O "O3'" . 0G  D 2 3 ? -15.946 0.947   4.379   1.00 55.42 ? 92  0G  D "O3'" 1 
HETATM 557 C "C2'" . 0G  D 2 3 ? -14.094 2.236   3.495   1.00 52.91 ? 92  0G  D "C2'" 1 
HETATM 558 O "O2'" . 0G  D 2 3 ? -15.032 3.225   3.097   1.00 51.53 ? 92  0G  D "O2'" 1 
HETATM 559 C "C1'" . 0G  D 2 3 ? -13.103 1.914   2.388   1.00 52.16 ? 92  0G  D "C1'" 1 
HETATM 560 N N9    . 0G  D 2 3 ? -11.802 1.523   2.917   1.00 49.25 ? 92  0G  D N9    1 
HETATM 561 C C8    . 0G  D 2 3 ? -11.245 0.269   2.996   1.00 49.15 ? 92  0G  D C8    1 
HETATM 562 N N7    . 0G  D 2 3 ? -10.057 0.260   3.544   1.00 47.38 ? 92  0G  D N7    1 
HETATM 563 C C6    . 0G  D 2 3 ? -8.717  2.191   4.458   1.00 47.03 ? 92  0G  D C6    1 
HETATM 564 O O6    . 0G  D 2 3 ? -7.671  1.633   4.836   1.00 47.86 ? 92  0G  D O6    1 
HETATM 565 C C5    . 0G  D 2 3 ? -9.836  1.587   3.849   1.00 47.77 ? 92  0G  D C5    1 
HETATM 566 N N1    . 0G  D 2 3 ? -8.875  3.568   4.594   1.00 44.29 ? 92  0G  D N1    1 
HETATM 567 C C2    . 0G  D 2 3 ? -9.990  4.276   4.228   1.00 44.70 ? 92  0G  D C2    1 
HETATM 568 N N2    . 0G  D 2 3 ? -9.927  5.597   4.456   1.00 42.87 ? 92  0G  D N2    1 
HETATM 569 N N3    . 0G  D 2 3 ? -11.049 3.723   3.634   1.00 45.80 ? 92  0G  D N3    1 
HETATM 570 C C4    . 0G  D 2 3 ? -10.900 2.380   3.483   1.00 46.42 ? 92  0G  D C4    1 
HETATM 571 P P     . 0C  D 2 4 ? -16.071 0.675   5.959   1.00 56.52 ? 93  0C  D P     1 
HETATM 572 O OP1   . 0C  D 2 4 ? -15.243 -0.467  6.405   1.00 52.41 ? 93  0C  D OP1   1 
HETATM 573 O OP2   . 0C  D 2 4 ? -17.536 0.700   6.214   1.00 55.78 ? 93  0C  D OP2   1 
HETATM 574 O "O5'" . 0C  D 2 4 ? -15.430 1.973   6.594   1.00 50.98 ? 93  0C  D "O5'" 1 
HETATM 575 C "C5'" . 0C  D 2 4 ? -16.031 3.210   6.355   1.00 50.31 ? 93  0C  D "C5'" 1 
HETATM 576 C "C4'" . 0C  D 2 4 ? -15.073 4.273   6.838   1.00 49.03 ? 93  0C  D "C4'" 1 
HETATM 577 O "O4'" . 0C  D 2 4 ? -13.824 4.083   6.130   1.00 49.00 ? 93  0C  D "O4'" 1 
HETATM 578 C "C3'" . 0C  D 2 4 ? -14.625 4.203   8.301   1.00 47.77 ? 93  0C  D "C3'" 1 
HETATM 579 O "O3'" . 0C  D 2 4 ? -15.570 4.713   9.231   1.00 47.38 ? 93  0C  D "O3'" 1 
HETATM 580 C "C2'" . 0C  D 2 4 ? -13.416 5.105   8.227   1.00 46.29 ? 93  0C  D "C2'" 1 
HETATM 581 O "O2'" . 0C  D 2 4 ? -13.717 6.478   8.131   1.00 43.58 ? 93  0C  D "O2'" 1 
HETATM 582 C "C1'" . 0C  D 2 4 ? -12.778 4.605   6.937   1.00 47.70 ? 93  0C  D "C1'" 1 
HETATM 583 N N1    . 0C  D 2 4 ? -11.717 3.568   7.150   1.00 46.33 ? 93  0C  D N1    1 
HETATM 584 C C2    . 0C  D 2 4 ? -10.444 3.980   7.580   1.00 45.74 ? 93  0C  D C2    1 
HETATM 585 O O2    . 0C  D 2 4 ? -10.202 5.174   7.794   1.00 48.50 ? 93  0C  D O2    1 
HETATM 586 N N3    . 0C  D 2 4 ? -9.480  3.053   7.743   1.00 44.32 ? 93  0C  D N3    1 
HETATM 587 C C4    . 0C  D 2 4 ? -9.728  1.774   7.532   1.00 43.68 ? 93  0C  D C4    1 
HETATM 588 N N4    . 0C  D 2 4 ? -8.722  0.911   7.735   1.00 42.36 ? 93  0C  D N4    1 
HETATM 589 C C5    . 0C  D 2 4 ? -11.017 1.328   7.103   1.00 44.33 ? 93  0C  D C5    1 
HETATM 590 C C6    . 0C  D 2 4 ? -11.975 2.250   6.929   1.00 44.56 ? 93  0C  D C6    1 
HETATM 591 P P     . 0C  D 2 5 ? -15.561 4.224   10.747  1.00 49.27 ? 94  0C  D P     1 
HETATM 592 O OP1   . 0C  D 2 5 ? -15.303 2.768   10.848  1.00 45.93 ? 94  0C  D OP1   1 
HETATM 593 O OP2   . 0C  D 2 5 ? -16.843 4.763   11.293  1.00 50.50 ? 94  0C  D OP2   1 
HETATM 594 O "O5'" . 0C  D 2 5 ? -14.349 5.026   11.410  1.00 43.71 ? 94  0C  D "O5'" 1 
HETATM 595 C "C5'" . 0C  D 2 5 ? -14.396 6.424   11.473  1.00 43.18 ? 94  0C  D "C5'" 1 
HETATM 596 C "C4'" . 0C  D 2 5 ? -13.131 6.966   12.119  1.00 42.42 ? 94  0C  D "C4'" 1 
HETATM 597 O "O4'" . 0C  D 2 5 ? -11.988 6.671   11.273  1.00 43.77 ? 94  0C  D "O4'" 1 
HETATM 598 C "C3'" . 0C  D 2 5 ? -12.745 6.329   13.452  1.00 42.24 ? 94  0C  D "C3'" 1 
HETATM 599 O "O3'" . 0C  D 2 5 ? -13.482 6.863   14.528  1.00 40.59 ? 94  0C  D "O3'" 1 
HETATM 600 C "C2'" . 0C  D 2 5 ? -11.248 6.621   13.528  1.00 41.28 ? 94  0C  D "C2'" 1 
HETATM 601 O "O2'" . 0C  D 2 5 ? -10.892 7.957   13.833  1.00 42.18 ? 94  0C  D "O2'" 1 
HETATM 602 C "C1'" . 0C  D 2 5 ? -10.876 6.317   12.085  1.00 42.26 ? 94  0C  D "C1'" 1 
HETATM 603 N N1    . 0C  D 2 5 ? -10.419 4.905   11.815  1.00 41.62 ? 94  0C  D N1    1 
HETATM 604 C C2    . 0C  D 2 5 ? -9.106  4.557   12.186  1.00 37.53 ? 94  0C  D C2    1 
HETATM 605 O O2    . 0C  D 2 5 ? -8.403  5.383   12.761  1.00 40.23 ? 94  0C  D O2    1 
HETATM 606 N N3    . 0C  D 2 5 ? -8.650  3.318   11.931  1.00 38.12 ? 94  0C  D N3    1 
HETATM 607 C C4    . 0C  D 2 5 ? -9.414  2.418   11.319  1.00 38.66 ? 94  0C  D C4    1 
HETATM 608 N N4    . 0C  D 2 5 ? -8.888  1.211   11.103  1.00 39.33 ? 94  0C  D N4    1 
HETATM 609 C C5    . 0C  D 2 5 ? -10.751 2.735   10.927  1.00 40.69 ? 94  0C  D C5    1 
HETATM 610 C C6    . 0C  D 2 5 ? -11.208 3.969   11.188  1.00 40.68 ? 94  0C  D C6    1 
HETATM 611 P P     . 0U  D 2 6 ? -13.831 5.929   15.773  1.00 42.04 ? 95  0U  D P     1 
HETATM 612 O OP1   . 0U  D 2 6 ? -14.345 4.617   15.365  1.00 40.50 ? 95  0U  D OP1   1 
HETATM 613 O OP2   . 0U  D 2 6 ? -14.592 6.848   16.677  1.00 44.25 ? 95  0U  D OP2   1 
HETATM 614 O "O5'" . 0U  D 2 6 ? -12.411 5.635   16.489  1.00 38.89 ? 95  0U  D "O5'" 1 
HETATM 615 C "C5'" . 0U  D 2 6 ? -11.647 6.674   17.103  1.00 39.27 ? 95  0U  D "C5'" 1 
HETATM 616 C "C4'" . 0U  D 2 6 ? -10.322 6.097   17.595  1.00 38.99 ? 95  0U  D "C4'" 1 
HETATM 617 O "O4'" . 0U  D 2 6 ? -9.608  5.571   16.453  1.00 38.72 ? 95  0U  D "O4'" 1 
HETATM 618 C "C3'" . 0U  D 2 6 ? -10.421 4.880   18.478  1.00 39.98 ? 95  0U  D "C3'" 1 
HETATM 619 O "O3'" . 0U  D 2 6 ? -10.839 5.254   19.791  1.00 38.75 ? 95  0U  D "O3'" 1 
HETATM 620 C "C2'" . 0U  D 2 6 ? -9.009  4.286   18.344  1.00 39.60 ? 95  0U  D "C2'" 1 
HETATM 621 O "O2'" . 0U  D 2 6 ? -8.017  4.923   19.135  1.00 37.48 ? 95  0U  D "O2'" 1 
HETATM 622 C "C1'" . 0U  D 2 6 ? -8.766  4.499   16.850  1.00 38.25 ? 95  0U  D "C1'" 1 
HETATM 623 N N1    . 0U  D 2 6 ? -9.074  3.282   15.965  1.00 39.28 ? 95  0U  D N1    1 
HETATM 624 C C2    . 0U  D 2 6 ? -8.124  2.303   15.853  1.00 41.23 ? 95  0U  D C2    1 
HETATM 625 O O2    . 0U  D 2 6 ? -7.051  2.387   16.422  1.00 43.63 ? 95  0U  D O2    1 
HETATM 626 N N3    . 0U  D 2 6 ? -8.474  1.233   15.060  1.00 38.93 ? 95  0U  D N3    1 
HETATM 627 C C4    . 0U  D 2 6 ? -9.679  1.053   14.399  1.00 40.03 ? 95  0U  D C4    1 
HETATM 628 O O4    . 0U  D 2 6 ? -9.851  0.043   13.725  1.00 40.60 ? 95  0U  D O4    1 
HETATM 629 C C5    . 0U  D 2 6 ? -10.646 2.108   14.557  1.00 39.32 ? 95  0U  D C5    1 
HETATM 630 C C6    . 0U  D 2 6 ? -10.305 3.154   15.333  1.00 38.79 ? 95  0U  D C6    1 
HETATM 631 P P     . 0G  D 2 7 ? -11.469 4.191   20.779  1.00 41.81 ? 96  0G  D P     1 
HETATM 632 O OP1   . 0G  D 2 7 ? -12.284 3.165   20.063  1.00 40.46 ? 96  0G  D OP1   1 
HETATM 633 O OP2   . 0G  D 2 7 ? -12.041 4.891   21.969  1.00 43.64 ? 96  0G  D OP2   1 
HETATM 634 O "O5'" . 0G  D 2 7 ? -10.137 3.456   21.270  1.00 43.03 ? 96  0G  D "O5'" 1 
HETATM 635 C "C5'" . 0G  D 2 7 ? -9.987  2.075   21.289  1.00 41.21 ? 96  0G  D "C5'" 1 
HETATM 636 C "C4'" . 0G  D 2 7 ? -8.533  1.816   21.657  1.00 40.24 ? 96  0G  D "C4'" 1 
HETATM 637 O "O4'" . 0G  D 2 7 ? -7.744  1.959   20.443  1.00 40.78 ? 96  0G  D "O4'" 1 
HETATM 638 C "C3'" . 0G  D 2 7 ? -8.221  0.436   22.205  1.00 39.32 ? 96  0G  D "C3'" 1 
HETATM 639 O "O3'" . 0G  D 2 7 ? -8.231  0.401   23.660  1.00 37.33 ? 96  0G  D "O3'" 1 
HETATM 640 C "C2'" . 0G  D 2 7 ? -6.847  0.151   21.610  1.00 37.27 ? 96  0G  D "C2'" 1 
HETATM 641 O "O2'" . 0G  D 2 7 ? -5.806  0.754   22.334  1.00 36.68 ? 96  0G  D "O2'" 1 
HETATM 642 C "C1'" . 0G  D 2 7 ? -6.944  0.789   20.231  1.00 39.77 ? 96  0G  D "C1'" 1 
HETATM 643 N N9    . 0G  D 2 7 ? -7.505  -0.117  19.213  1.00 38.93 ? 96  0G  D N9    1 
HETATM 644 C C8    . 0G  D 2 7 ? -8.657  0.016   18.466  1.00 41.03 ? 96  0G  D C8    1 
HETATM 645 N N7    . 0G  D 2 7 ? -8.869  -1.013  17.665  1.00 41.32 ? 96  0G  D N7    1 
HETATM 646 C C6    . 0G  D 2 7 ? -7.466  -3.109  17.302  1.00 38.25 ? 96  0G  D C6    1 
HETATM 647 O O6    . 0G  D 2 7 ? -8.134  -3.707  16.438  1.00 38.39 ? 96  0G  D O6    1 
HETATM 648 C C5    . 0G  D 2 7 ? -7.792  -1.855  17.884  1.00 38.25 ? 96  0G  D C5    1 
HETATM 649 N N1    . 0G  D 2 7 ? -6.282  -3.661  17.817  1.00 38.03 ? 96  0G  D N1    1 
HETATM 650 C C2    . 0G  D 2 7 ? -5.518  -3.042  18.798  1.00 37.43 ? 96  0G  D C2    1 
HETATM 651 N N2    . 0G  D 2 7 ? -4.401  -3.656  19.215  1.00 35.23 ? 96  0G  D N2    1 
HETATM 652 N N3    . 0G  D 2 7 ? -5.825  -1.867  19.326  1.00 33.47 ? 96  0G  D N3    1 
HETATM 653 C C4    . 0G  D 2 7 ? -6.957  -1.326  18.833  1.00 37.05 ? 96  0G  D C4    1 
HETATM 654 P P     . 0G  D 2 8 ? -8.990  -0.811  24.349  1.00 41.33 ? 97  0G  D P     1 
HETATM 655 O OP1   . 0G  D 2 8 ? -10.255 -0.956  23.644  1.00 41.51 ? 97  0G  D OP1   1 
HETATM 656 O OP2   . 0G  D 2 8 ? -8.954  -0.675  25.834  1.00 39.48 ? 97  0G  D OP2   1 
HETATM 657 O "O5'" . 0G  D 2 8 ? -8.044  -2.064  23.940  1.00 37.93 ? 97  0G  D "O5'" 1 
HETATM 658 C "C5'" . 0G  D 2 8 ? -6.710  -2.133  24.467  1.00 37.25 ? 97  0G  D "C5'" 1 
HETATM 659 C "C4'" . 0G  D 2 8 ? -6.041  -3.469  24.131  1.00 34.74 ? 97  0G  D "C4'" 1 
HETATM 660 O "O4'" . 0G  D 2 8 ? -5.721  -3.495  22.733  1.00 32.73 ? 97  0G  D "O4'" 1 
HETATM 661 C "C3'" . 0G  D 2 8 ? -6.840  -4.740  24.350  1.00 34.89 ? 97  0G  D "C3'" 1 
HETATM 662 O "O3'" . 0G  D 2 8 ? -7.004  -5.108  25.738  1.00 35.34 ? 97  0G  D "O3'" 1 
HETATM 663 C "C2'" . 0G  D 2 8 ? -6.047  -5.721  23.479  1.00 34.36 ? 97  0G  D "C2'" 1 
HETATM 664 O "O2'" . 0G  D 2 8 ? -4.820  -6.136  24.088  1.00 36.84 ? 97  0G  D "O2'" 1 
HETATM 665 C "C1'" . 0G  D 2 8 ? -5.816  -4.844  22.240  1.00 34.27 ? 97  0G  D "C1'" 1 
HETATM 666 N N9    . 0G  D 2 8 ? -6.908  -4.958  21.284  1.00 31.50 ? 97  0G  D N9    1 
HETATM 667 C C8    . 0G  D 2 8 ? -7.982  -4.101  21.115  1.00 33.06 ? 97  0G  D C8    1 
HETATM 668 N N7    . 0G  D 2 8 ? -8.806  -4.467  20.176  1.00 31.54 ? 97  0G  D N7    1 
HETATM 669 C C6    . 0G  D 2 8 ? -8.796  -6.555  18.715  1.00 33.33 ? 97  0G  D C6    1 
HETATM 670 O O6    . 0G  D 2 8 ? -9.836  -6.396  18.051  1.00 29.46 ? 97  0G  D O6    1 
HETATM 671 C C5    . 0G  D 2 8 ? -8.291  -5.684  19.711  1.00 31.29 ? 97  0G  D C5    1 
HETATM 672 N N1    . 0G  D 2 8 ? -8.010  -7.695  18.533  1.00 30.40 ? 97  0G  D N1    1 
HETATM 673 C C2    . 0G  D 2 8 ? -6.835  -7.925  19.225  1.00 33.98 ? 97  0G  D C2    1 
HETATM 674 N N2    . 0G  D 2 8 ? -6.197  -9.069  18.910  1.00 30.63 ? 97  0G  D N2    1 
HETATM 675 N N3    . 0G  D 2 8 ? -6.345  -7.109  20.184  1.00 32.68 ? 97  0G  D N3    1 
HETATM 676 C C4    . 0G  D 2 8 ? -7.126  -6.011  20.379  1.00 32.24 ? 97  0G  D C4    1 
HETATM 677 O O     . HOH E 3 . ? 11.956  -5.264  -21.767 1.00 44.87 ? 2   HOH A O     1 
HETATM 678 O O     . HOH E 3 . ? 17.029  4.845   -8.192  1.00 48.56 ? 6   HOH A O     1 
HETATM 679 O O     . HOH E 3 . ? 19.944  5.944   -9.174  1.00 48.05 ? 7   HOH A O     1 
HETATM 680 O O     . HOH E 3 . ? 13.826  -7.573  -19.235 0.33 37.73 ? 8   HOH A O     1 
HETATM 681 O O     . HOH E 3 . ? 18.557  1.268   -19.081 1.00 58.70 ? 10  HOH A O     1 
HETATM 682 O O     . HOH E 3 . ? 17.723  -5.223  -14.754 1.00 39.56 ? 11  HOH A O     1 
HETATM 683 O O     . HOH E 3 . ? 11.986  -8.813  -16.565 0.33 35.80 ? 12  HOH A O     1 
HETATM 684 O O     . HOH E 3 . ? 19.902  10.490  -10.942 1.00 63.53 ? 14  HOH A O     1 
HETATM 685 O O     . HOH E 3 . ? 9.818   0.563   -17.366 1.00 53.64 ? 16  HOH A O     1 
HETATM 686 O O     . HOH E 3 . ? 4.104   5.720   -7.126  1.00 57.52 ? 18  HOH A O     1 
HETATM 687 O O     . HOH E 3 . ? 14.925  -2.848  -9.578  1.00 51.33 ? 19  HOH A O     1 
HETATM 688 O O     . HOH E 3 . ? 17.404  2.518   -9.696  1.00 50.24 ? 20  HOH A O     1 
HETATM 689 O O     . HOH E 3 . ? 19.964  3.557   -9.356  1.00 51.71 ? 21  HOH A O     1 
HETATM 690 O O     . HOH E 3 . ? 13.949  -2.200  -19.715 1.00 44.78 ? 22  HOH A O     1 
HETATM 691 O O     . HOH E 3 . ? 8.079   -2.478  -17.034 1.00 39.10 ? 24  HOH A O     1 
HETATM 692 O O     . HOH E 3 . ? 7.316   -9.822  -11.303 1.00 63.21 ? 25  HOH A O     1 
HETATM 693 O O     . HOH E 3 . ? 3.164   -2.012  -19.165 1.00 55.20 ? 26  HOH A O     1 
HETATM 694 O O     . HOH E 3 . ? 14.532  1.535   -18.344 1.00 49.40 ? 27  HOH A O     1 
HETATM 695 O O     . HOH E 3 . ? 17.303  10.465  -11.462 1.00 57.78 ? 28  HOH A O     1 
HETATM 696 O O     . HOH E 3 . ? 3.513   1.128   -17.497 1.00 54.24 ? 31  HOH A O     1 
HETATM 697 O O     . HOH E 3 . ? -0.480  0.671   -17.015 1.00 56.00 ? 32  HOH A O     1 
HETATM 698 O O     . HOH E 3 . ? 14.899  3.875   -17.548 1.00 49.02 ? 33  HOH A O     1 
HETATM 699 O O     . HOH E 3 . ? 9.252   5.136   -18.516 0.50 42.36 ? 34  HOH A O     1 
HETATM 700 O O     . HOH E 3 . ? 6.782   6.845   -17.281 1.00 52.96 ? 35  HOH A O     1 
HETATM 701 O O     . HOH E 3 . ? 6.685   5.763   -15.158 1.00 55.30 ? 36  HOH A O     1 
HETATM 702 O O     . HOH E 3 . ? 9.074   3.685   -14.656 1.00 57.25 ? 37  HOH A O     1 
HETATM 703 O O     . HOH E 3 . ? 0.927   1.565   -1.044  1.00 59.16 ? 38  HOH A O     1 
HETATM 704 O O     . HOH E 3 . ? 4.563   3.117   -2.810  1.00 65.44 ? 39  HOH A O     1 
HETATM 705 O O     . HOH E 3 . ? 2.124   5.386   -5.855  1.00 65.96 ? 40  HOH A O     1 
HETATM 706 O O     . HOH E 3 . ? 5.733   4.709   -4.879  1.00 62.01 ? 41  HOH A O     1 
HETATM 707 O O     . HOH E 3 . ? 1.245   6.372   -10.001 1.00 62.95 ? 42  HOH A O     1 
HETATM 708 O O     . HOH E 3 . ? 1.987   4.373   -15.210 1.00 68.69 ? 43  HOH A O     1 
HETATM 709 O O     . HOH E 3 . ? 12.339  4.865   -17.188 1.00 54.60 ? 44  HOH A O     1 
HETATM 710 O O     . HOH E 3 . ? 3.021   3.994   -0.953  1.00 66.95 ? 46  HOH A O     1 
HETATM 711 O O     . HOH E 3 . ? 4.180   2.039   -10.540 1.00 62.25 ? 49  HOH A O     1 
HETATM 712 O O     . HOH E 3 . ? -0.646  12.057  -6.867  1.00 61.90 ? 50  HOH A O     1 
HETATM 713 O O     . HOH E 3 . ? 22.099  6.570   -15.899 1.00 53.51 ? 51  HOH A O     1 
HETATM 714 O O     . HOH E 3 . ? -7.912  1.466   -7.357  1.00 53.10 ? 53  HOH A O     1 
HETATM 715 O O     . HOH E 3 . ? -7.812  5.559   -9.161  1.00 55.04 ? 57  HOH A O     1 
HETATM 716 O O     . HOH E 3 . ? 4.322   -3.156  -21.861 1.00 55.15 ? 60  HOH A O     1 
HETATM 717 O O     . HOH E 3 . ? 2.302   1.934   -3.649  1.00 54.23 ? 61  HOH A O     1 
HETATM 718 O O     . HOH E 3 . ? 2.427   1.468   -13.787 1.00 61.53 ? 62  HOH A O     1 
HETATM 719 O O     . HOH E 3 . ? 15.378  -6.529  -21.489 0.33 56.83 ? 64  HOH A O     1 
HETATM 720 O O     . HOH E 3 . ? 22.297  4.588   -17.018 1.00 56.94 ? 67  HOH A O     1 
HETATM 721 O O     . HOH E 3 . ? -10.575 4.964   -8.344  1.00 54.41 ? 100 HOH A O     1 
HETATM 722 O O     . HOH F 3 . ? 16.764  -0.520  -7.753  1.00 59.43 ? 1   HOH B O     1 
HETATM 723 O O     . HOH F 3 . ? 11.653  7.640   -0.097  1.00 57.31 ? 3   HOH B O     1 
HETATM 724 O O     . HOH F 3 . ? 9.756   -0.294  0.432   1.00 56.21 ? 4   HOH B O     1 
HETATM 725 O O     . HOH F 3 . ? 5.808   -10.451 -0.020  1.00 44.76 ? 9   HOH B O     1 
HETATM 726 O O     . HOH F 3 . ? 17.674  0.481   -1.985  1.00 62.41 ? 13  HOH B O     1 
HETATM 727 O O     . HOH F 3 . ? 13.742  16.872  -7.963  1.00 62.85 ? 15  HOH B O     1 
HETATM 728 O O     . HOH F 3 . ? 7.767   5.135   -8.898  1.00 52.43 ? 17  HOH B O     1 
HETATM 729 O O     . HOH F 3 . ? 0.075   -11.794 -0.893  1.00 55.75 ? 23  HOH B O     1 
HETATM 730 O O     . HOH F 3 . ? 11.831  14.543  -6.337  1.00 59.77 ? 29  HOH B O     1 
HETATM 731 O O     . HOH F 3 . ? 11.834  -4.228  2.779   1.00 54.67 ? 30  HOH B O     1 
HETATM 732 O O     . HOH F 3 . ? 4.894   -0.246  1.346   1.00 65.53 ? 45  HOH B O     1 
HETATM 733 O O     . HOH F 3 . ? 13.188  -2.564  1.627   1.00 58.64 ? 47  HOH B O     1 
HETATM 734 O O     . HOH F 3 . ? 6.225   2.329   -7.633  1.00 58.34 ? 48  HOH B O     1 
HETATM 735 O O     . HOH F 3 . ? 4.018   -7.286  -2.625  1.00 53.53 ? 52  HOH B O     1 
HETATM 736 O O     . HOH F 3 . ? -0.120  -3.415  -1.012  1.00 53.96 ? 54  HOH B O     1 
HETATM 737 O O     . HOH F 3 . ? 12.364  -9.009  -1.159  1.00 44.94 ? 55  HOH B O     1 
HETATM 738 O O     . HOH F 3 . ? -6.358  -4.501  -8.340  1.00 45.21 ? 56  HOH B O     1 
HETATM 739 O O     . HOH F 3 . ? 4.848   -13.334 -5.734  0.33 36.26 ? 58  HOH B O     1 
HETATM 740 O O     . HOH F 3 . ? 13.378  -6.158  -0.123  1.00 54.09 ? 59  HOH B O     1 
HETATM 741 O O     . HOH F 3 . ? -8.620  -3.973  -7.428  1.00 66.69 ? 63  HOH B O     1 
HETATM 742 O O     . HOH F 3 . ? 3.396   -13.469 -0.036  1.00 47.27 ? 65  HOH B O     1 
HETATM 743 O O     . HOH F 3 . ? 12.151  -0.340  1.103   1.00 56.73 ? 66  HOH B O     1 
HETATM 744 O O     . HOH F 3 . ? 7.938   -4.002  -2.763  1.00 56.10 ? 68  HOH B O     1 
HETATM 745 O O     . HOH F 3 . ? 6.080   -6.314  -1.485  1.00 57.35 ? 69  HOH B O     1 
HETATM 746 O O     . HOH F 3 . ? 10.085  -8.853  -8.896  1.00 59.49 ? 70  HOH B O     1 
HETATM 747 O O     . HOH F 3 . ? 14.945  7.872   -7.998  1.00 58.91 ? 71  HOH B O     1 
HETATM 748 O O     . HOH G 3 . ? -10.530 10.412  -9.290  1.00 65.73 ? 87  HOH C O     1 
HETATM 749 O O     . HOH G 3 . ? -11.272 10.786  -4.122  1.00 54.68 ? 88  HOH C O     1 
HETATM 750 O O     . HOH G 3 . ? -11.440 -14.149 11.880  1.00 49.98 ? 89  HOH C O     1 
HETATM 751 O O     . HOH G 3 . ? -0.810  -9.803  9.760   1.00 64.26 ? 90  HOH C O     1 
HETATM 752 O O     . HOH G 3 . ? -0.942  -13.149 15.521  1.00 49.14 ? 91  HOH C O     1 
HETATM 753 O O     . HOH G 3 . ? 2.039   5.684   14.910  0.33 27.97 ? 92  HOH C O     1 
HETATM 754 O O     . HOH G 3 . ? 4.941   4.364   9.597   1.00 45.58 ? 93  HOH C O     1 
HETATM 755 O O     . HOH G 3 . ? 3.789   7.528   9.546   1.00 58.70 ? 94  HOH C O     1 
HETATM 756 O O     . HOH G 3 . ? -12.871 -7.944  13.869  0.50 35.01 ? 95  HOH C O     1 
HETATM 757 O O     . HOH G 3 . ? -10.862 -7.292  12.040  1.00 58.79 ? 96  HOH C O     1 
HETATM 758 O O     . HOH G 3 . ? -2.576  0.402   8.955   1.00 42.61 ? 97  HOH C O     1 
HETATM 759 O O     . HOH G 3 . ? -0.141  -0.141  10.173  1.00 45.95 ? 98  HOH C O     1 
HETATM 760 O O     . HOH G 3 . ? 3.692   0.792   10.267  1.00 41.80 ? 99  HOH C O     1 
HETATM 761 O O     . HOH G 3 . ? -4.735  -12.927 18.005  1.00 43.75 ? 100 HOH C O     1 
HETATM 762 O O     . HOH G 3 . ? -5.272  3.890   18.547  1.00 42.84 ? 101 HOH C O     1 
HETATM 763 O O     . HOH G 3 . ? 3.897   6.934   12.215  0.33 35.34 ? 102 HOH C O     1 
HETATM 764 O O     . HOH G 3 . ? -0.957  4.200   7.292   1.00 46.81 ? 103 HOH C O     1 
HETATM 765 O O     . HOH G 3 . ? 4.729   -3.315  10.661  1.00 50.88 ? 104 HOH C O     1 
HETATM 766 O O     . HOH G 3 . ? -1.208  6.208   4.793   1.00 48.90 ? 105 HOH C O     1 
HETATM 767 O O     . HOH G 3 . ? -5.591  9.791   -6.384  1.00 54.22 ? 106 HOH C O     1 
HETATM 768 O O     . HOH G 3 . ? -10.826 8.876   -6.228  1.00 54.77 ? 107 HOH C O     1 
HETATM 769 O O     . HOH G 3 . ? -2.735  -2.092  3.569   1.00 50.55 ? 108 HOH C O     1 
HETATM 770 O O     . HOH G 3 . ? -2.943  5.413   -0.506  1.00 53.14 ? 109 HOH C O     1 
HETATM 771 O O     . HOH G 3 . ? -5.945  -4.228  13.164  1.00 50.57 ? 110 HOH C O     1 
HETATM 772 O O     . HOH G 3 . ? -14.655 -4.886  11.333  1.00 67.52 ? 111 HOH C O     1 
HETATM 773 O O     . HOH G 3 . ? 0.065   -1.069  7.323   1.00 66.24 ? 112 HOH C O     1 
HETATM 774 O O     . HOH G 3 . ? -3.466  -6.393  18.719  1.00 39.34 ? 113 HOH C O     1 
HETATM 775 O O     . HOH G 3 . ? -8.980  10.002  5.495   1.00 54.32 ? 114 HOH C O     1 
HETATM 776 O O     . HOH G 3 . ? -2.214  2.823   0.389   1.00 54.17 ? 115 HOH C O     1 
HETATM 777 O O     . HOH G 3 . ? 2.056   5.561   7.361   1.00 63.37 ? 116 HOH C O     1 
HETATM 778 O O     . HOH G 3 . ? -4.096  -1.912  11.002  1.00 51.13 ? 117 HOH C O     1 
HETATM 779 O O     . HOH G 3 . ? 1.112   -5.130  6.385   1.00 62.61 ? 118 HOH C O     1 
HETATM 780 O O     . HOH G 3 . ? -9.657  12.995  6.189   1.00 56.67 ? 119 HOH C O     1 
HETATM 781 O O     . HOH G 3 . ? -3.333  4.642   16.540  1.00 47.22 ? 120 HOH C O     1 
HETATM 782 O O     . HOH G 3 . ? -2.069  11.204  -0.308  1.00 64.89 ? 121 HOH C O     1 
HETATM 783 O O     . HOH G 3 . ? -0.844  -0.925  4.759   1.00 59.35 ? 122 HOH C O     1 
HETATM 784 O O     . HOH G 3 . ? -10.027 7.779   6.576   1.00 69.26 ? 123 HOH C O     1 
HETATM 785 O O     . HOH G 3 . ? -1.478  3.661   4.607   1.00 60.46 ? 124 HOH C O     1 
HETATM 786 O O     . HOH H 3 . ? -14.186 10.087  10.727  1.00 61.61 ? 98  HOH D O     1 
HETATM 787 O O     . HOH H 3 . ? -16.590 -0.454  -0.908  1.00 55.30 ? 99  HOH D O     1 
HETATM 788 O O     . HOH H 3 . ? -11.830 1.573   18.050  1.00 46.88 ? 100 HOH D O     1 
HETATM 789 O O     . HOH H 3 . ? -6.768  -0.849  5.280   1.00 54.28 ? 101 HOH D O     1 
HETATM 790 O O     . HOH H 3 . ? -8.621  -2.276  4.676   1.00 45.27 ? 102 HOH D O     1 
HETATM 791 O O     . HOH H 3 . ? -7.512  8.111   12.438  1.00 43.12 ? 103 HOH D O     1 
HETATM 792 O O     . HOH H 3 . ? -14.471 3.520   22.882  1.00 55.25 ? 104 HOH D O     1 
HETATM 793 O O     . HOH H 3 . ? -10.204 -4.439  27.437  1.00 61.77 ? 105 HOH D O     1 
HETATM 794 O O     . HOH H 3 . ? -4.770  -7.880  26.184  1.00 56.78 ? 106 HOH D O     1 
HETATM 795 O O     . HOH H 3 . ? -12.746 -8.384  2.769   1.00 67.51 ? 107 HOH D O     1 
HETATM 796 O O     . HOH H 3 . ? -8.730  -2.622  9.130   1.00 58.30 ? 108 HOH D O     1 
HETATM 797 O O     . HOH H 3 . ? -15.505 2.559   20.884  1.00 55.50 ? 109 HOH D O     1 
HETATM 798 O O     . HOH H 3 . ? -12.036 1.092   24.823  1.00 55.90 ? 110 HOH D O     1 
HETATM 799 O O     . HOH H 3 . ? -11.085 -2.134  16.413  1.00 42.24 ? 111 HOH D O     1 
HETATM 800 O O     . HOH H 3 . ? -9.571  -3.956  32.962  1.00 64.06 ? 112 HOH D O     1 
HETATM 801 O O     . HOH H 3 . ? -11.681 -4.016  -4.878  1.00 53.46 ? 113 HOH D O     1 
HETATM 802 O O     . HOH H 3 . ? -5.381  0.911   24.958  0.33 42.52 ? 114 HOH D O     1 
HETATM 803 O O     . HOH H 3 . ? -13.758 7.262   22.280  1.00 46.96 ? 115 HOH D O     1 
HETATM 804 O O     . HOH H 3 . ? -11.786 -9.734  -1.377  1.00 60.15 ? 116 HOH D O     1 
HETATM 805 O O     . HOH H 3 . ? -16.640 7.678   8.360   1.00 59.13 ? 117 HOH D O     1 
# 
